data_2R7S
#
_entry.id   2R7S
#
_cell.length_a   77.118
_cell.length_b   112.664
_cell.length_c   144.844
_cell.angle_alpha   90.000
_cell.angle_beta   90.000
_cell.angle_gamma   90.000
#
_symmetry.space_group_name_H-M   'P 21 21 21'
#
loop_
_entity.id
_entity.type
_entity.pdbx_description
1 polymer "RNA (5'-R(*UP*GP*UP*GP*CP*C)-3')"
2 polymer 'RNA-dependent RNA polymerase'
3 non-polymer 'PHOSPHATE ION'
#
loop_
_entity_poly.entity_id
_entity_poly.type
_entity_poly.pdbx_seq_one_letter_code
_entity_poly.pdbx_strand_id
1 'polyribonucleotide' UGUGCC X
2 'polypeptide(L)'
;MGKYNLILSEYLSFIYNSQSAVQIPIYYSSNSELENRCIEFHSKCLENSKNGLSLRKLFVEYNDVIENATLLSILSYSYD
KYNAVERKLVKYAKGKPLEADLTVNELDYENNKMTSELFPTAEEYTDSLMDPAILTSLSSNLNAVMFWLEKHENDVAEKL
KVYKRRLDLFTIVASTINKYGVPRHNAKYRYEYDVMKDKPYYLVTWANSSIEMLMSVFSHDDYLIAKELIVLSYSNRSTL
AKLVSSPMSILVALVDINGTFITNEELELEFSNKYVRAIVPDQTFDELNQMLDNMRKAGLVDIPKMIQDWLVDRSIEKFP
LMAKIYSWSFHVGFRKQKMLDAALDQLKTEYTENVDDEMYREYTMLIRDEVVKMLEEPVKHDDHLLRDSELAGLLSMSSA
SNGESRQLKFGRKTIFSTKKNMHVMDDMANERYTPGIIPPVNVDKPIPLGRRDVPGRRTRIIFILPYEYFIAQHAVVEKM
LIYAKHTREYAEFYSQSNQLLSYGDVTRFLSNNTMVLYTDVSQWDSSQHNTQPFRKGIIMGLDILANMTNDAKVLQTLNL
YKQTQINLMDSYVQIPDGNVIKKIQYGAVASGEKQTKAANSIANLALIKTVLSRISNKHSFATKIIRVDGDDNYAVLQFN
TEVTKQMIQDVSNDVRETYARMNAKVKALVSTVGIEIAKRYIAGGKIFFRAGINLLNNEKRGQSTQWDQAAILYSNYIVN
RLRGFETDREFILTKIMQMTSVAITGSLRLFPSERVLTTNSTFKVFDSEDFIIEYGTTVDEVYIQRAFMSLSSQKSGIAD
EIAASSTFKNYVTRLSEQLLFSKNNIVSRGIALTEKAKLNSYAPISLEKRRAQISALLTMLQKPVTFKSSKITINDILRD
IKPFFTVSDAHLPIQYQKFMPTLPDNVQYIIQCIGSRTYQIEDDGSKSAISRLISKYSVYKPSIEELYKVISLHENEIQL
YLISLGIPKIDADTYVGSKIYSRDKYRILESYVYNLLSINYGCYQLFDFNSPDLEKLIRIPFKGKIPAVTFILHLYAKLE
VINYAIKNGSWISLFCNYPKSEMIKLWKKMWNITSLRSPYTNANFFQEPHHHHHH
;
A
#
loop_
_chem_comp.id
_chem_comp.type
_chem_comp.name
_chem_comp.formula
C RNA linking CYTIDINE-5'-MONOPHOSPHATE 'C9 H14 N3 O8 P'
G RNA linking GUANOSINE-5'-MONOPHOSPHATE 'C10 H14 N5 O8 P'
PO4 non-polymer 'PHOSPHATE ION' 'O4 P -3'
U RNA linking URIDINE-5'-MONOPHOSPHATE 'C9 H13 N2 O9 P'
#
# COMPACT_ATOMS: atom_id res chain seq x y z
N GLY B 2 16.24 11.97 19.15
CA GLY B 2 16.54 10.78 20.01
C GLY B 2 15.56 10.62 21.16
N LYS B 3 14.46 11.37 21.11
CA LYS B 3 13.42 11.34 22.14
C LYS B 3 12.70 10.00 22.26
N TYR B 4 12.91 9.10 21.31
CA TYR B 4 12.24 7.80 21.38
C TYR B 4 12.72 7.01 22.58
N ASN B 5 14.02 7.04 22.84
CA ASN B 5 14.57 6.30 23.98
C ASN B 5 14.07 6.84 25.33
N LEU B 6 14.01 8.16 25.45
CA LEU B 6 13.56 8.79 26.69
C LEU B 6 12.09 8.50 26.92
N ILE B 7 11.33 8.52 25.85
CA ILE B 7 9.89 8.25 25.88
C ILE B 7 9.63 6.82 26.34
N LEU B 8 10.44 5.87 25.90
CA LEU B 8 10.26 4.47 26.23
C LEU B 8 10.40 4.23 27.74
N SER B 9 11.35 4.91 28.37
CA SER B 9 11.55 4.75 29.81
C SER B 9 10.36 5.27 30.62
N GLU B 10 9.80 6.40 30.20
CA GLU B 10 8.66 6.98 30.91
C GLU B 10 7.49 6.03 30.81
N TYR B 11 7.30 5.46 29.62
CA TYR B 11 6.19 4.56 29.40
C TYR B 11 6.35 3.29 30.22
N LEU B 12 7.58 2.77 30.26
CA LEU B 12 7.83 1.57 31.03
C LEU B 12 7.64 1.82 32.53
N SER B 13 8.11 2.98 32.97
CA SER B 13 8.00 3.34 34.37
C SER B 13 6.53 3.48 34.70
N PHE B 14 5.78 4.05 33.76
CA PHE B 14 4.34 4.23 33.98
C PHE B 14 3.59 2.90 34.03
N ILE B 15 3.94 1.98 33.13
CA ILE B 15 3.33 0.66 33.11
C ILE B 15 3.61 -0.26 34.30
N TYR B 16 4.87 -0.28 34.75
CA TYR B 16 5.29 -1.15 35.85
C TYR B 16 5.87 -0.39 37.03
N ASN B 17 5.43 -0.75 38.24
CA ASN B 17 5.92 -0.10 39.46
C ASN B 17 5.88 -1.00 40.69
N SER B 18 7.04 -1.49 41.10
CA SER B 18 7.17 -2.37 42.27
C SER B 18 8.63 -2.84 42.43
N VAL B 22 11.83 -2.87 37.75
CA VAL B 22 13.05 -2.12 37.44
C VAL B 22 13.44 -2.23 35.97
N GLN B 23 14.27 -1.30 35.51
CA GLN B 23 14.71 -1.27 34.13
C GLN B 23 16.22 -1.31 34.06
N ILE B 24 16.76 -2.20 33.22
CA ILE B 24 18.22 -2.34 33.08
C ILE B 24 18.69 -1.90 31.69
N PRO B 25 19.30 -0.72 31.58
CA PRO B 25 19.80 -0.22 30.29
C PRO B 25 20.85 -1.15 29.74
N ILE B 26 20.98 -1.19 28.42
CA ILE B 26 21.98 -2.05 27.79
C ILE B 26 22.66 -1.27 26.68
N TYR B 27 23.95 -0.97 26.86
CA TYR B 27 24.69 -0.21 25.85
C TYR B 27 25.72 -1.08 25.11
N TYR B 28 26.43 -0.44 24.20
CA TYR B 28 27.47 -1.13 23.41
C TYR B 28 28.25 -0.05 22.67
N SER B 29 29.50 -0.36 22.31
CA SER B 29 30.34 0.60 21.60
C SER B 29 31.34 -0.04 20.64
N SER B 30 31.60 0.63 19.53
CA SER B 30 32.53 0.11 18.55
C SER B 30 33.97 0.26 19.03
N ASN B 31 34.14 0.66 20.28
CA ASN B 31 35.47 0.84 20.86
C ASN B 31 35.73 -0.15 21.99
N SER B 32 36.48 -1.20 21.66
CA SER B 32 36.83 -2.27 22.57
C SER B 32 36.81 -1.96 24.08
N GLU B 33 37.52 -0.92 24.49
CA GLU B 33 37.56 -0.56 25.89
C GLU B 33 36.22 -0.11 26.45
N LEU B 34 35.51 0.71 25.68
CA LEU B 34 34.20 1.22 26.06
C LEU B 34 33.17 0.11 26.20
N GLU B 35 33.24 -0.86 25.29
CA GLU B 35 32.34 -2.01 25.23
C GLU B 35 32.51 -2.83 26.51
N ASN B 36 33.74 -2.98 26.97
CA ASN B 36 34.04 -3.74 28.18
C ASN B 36 33.35 -3.03 29.35
N ARG B 37 33.39 -1.71 29.34
CA ARG B 37 32.75 -0.93 30.37
C ARG B 37 31.26 -1.22 30.28
N CYS B 38 30.76 -1.33 29.06
CA CYS B 38 29.35 -1.63 28.87
C CYS B 38 29.04 -3.01 29.46
N ILE B 39 29.95 -3.97 29.26
CA ILE B 39 29.74 -5.30 29.78
C ILE B 39 29.77 -5.26 31.31
N GLU B 40 30.68 -4.48 31.88
CA GLU B 40 30.80 -4.38 33.32
C GLU B 40 29.57 -3.76 33.93
N PHE B 41 29.07 -2.71 33.29
CA PHE B 41 27.88 -2.00 33.76
C PHE B 41 26.62 -2.88 33.75
N HIS B 42 26.48 -3.69 32.70
CA HIS B 42 25.34 -4.56 32.58
C HIS B 42 25.36 -5.58 33.71
N SER B 43 26.53 -6.13 34.02
CA SER B 43 26.66 -7.14 35.06
C SER B 43 26.32 -6.58 36.43
N LYS B 44 26.81 -5.37 36.69
CA LYS B 44 26.58 -4.73 37.96
C LYS B 44 25.13 -4.41 38.18
N CYS B 45 24.46 -3.96 37.12
CA CYS B 45 23.03 -3.63 37.23
C CYS B 45 22.20 -4.88 37.55
N LEU B 46 22.52 -6.00 36.92
CA LEU B 46 21.79 -7.22 37.20
C LEU B 46 22.06 -7.68 38.63
N GLU B 47 23.32 -7.58 39.05
CA GLU B 47 23.69 -7.98 40.38
C GLU B 47 23.06 -7.08 41.42
N ASN B 48 23.05 -5.78 41.16
CA ASN B 48 22.45 -4.83 42.09
C ASN B 48 20.95 -5.01 42.21
N SER B 49 20.28 -5.24 41.08
CA SER B 49 18.85 -5.43 41.09
C SER B 49 18.50 -6.71 41.82
N LYS B 50 19.31 -7.76 41.58
CA LYS B 50 19.10 -9.04 42.23
C LYS B 50 19.13 -8.89 43.74
N ASN B 51 19.84 -7.89 44.24
CA ASN B 51 19.93 -7.66 45.67
C ASN B 51 19.04 -6.51 46.13
N GLY B 52 18.20 -6.02 45.23
CA GLY B 52 17.30 -4.93 45.57
C GLY B 52 17.99 -3.66 46.05
N LEU B 53 19.05 -3.29 45.35
CA LEU B 53 19.82 -2.10 45.69
C LEU B 53 19.61 -1.00 44.65
N SER B 54 20.06 0.21 44.98
CA SER B 54 19.91 1.34 44.08
C SER B 54 20.95 1.30 42.94
N LEU B 55 20.55 1.78 41.77
CA LEU B 55 21.45 1.80 40.63
C LEU B 55 21.98 3.20 40.38
N ARG B 56 21.65 4.14 41.28
CA ARG B 56 22.07 5.53 41.11
C ARG B 56 23.60 5.70 41.17
N LYS B 57 24.24 4.96 42.07
CA LYS B 57 25.70 5.01 42.18
C LYS B 57 26.39 4.48 40.92
N LEU B 58 25.84 3.41 40.36
CA LEU B 58 26.39 2.81 39.16
C LEU B 58 26.33 3.75 37.96
N PHE B 59 25.23 4.49 37.83
CA PHE B 59 25.09 5.41 36.71
C PHE B 59 26.16 6.50 36.78
N VAL B 60 26.41 7.00 37.98
CA VAL B 60 27.45 8.02 38.16
C VAL B 60 28.81 7.40 37.87
N GLU B 61 29.01 6.17 38.36
CA GLU B 61 30.27 5.47 38.17
C GLU B 61 30.52 5.23 36.70
N TYR B 62 29.47 4.84 35.98
CA TYR B 62 29.57 4.59 34.55
C TYR B 62 28.90 5.73 33.79
N ASN B 63 29.33 6.95 34.15
CA ASN B 63 28.84 8.19 33.56
C ASN B 63 29.24 8.18 32.09
N ASP B 64 30.43 7.67 31.84
CA ASP B 64 31.01 7.60 30.51
C ASP B 64 30.18 6.70 29.61
N VAL B 65 29.70 5.58 30.14
CA VAL B 65 28.91 4.68 29.32
C VAL B 65 27.62 5.37 28.87
N ILE B 66 26.97 6.09 29.78
CA ILE B 66 25.72 6.79 29.43
C ILE B 66 25.97 7.90 28.42
N GLU B 67 27.04 8.65 28.65
CA GLU B 67 27.45 9.77 27.80
C GLU B 67 27.89 9.49 26.37
N ASN B 68 28.69 8.44 26.18
CA ASN B 68 29.22 8.17 24.85
C ASN B 68 28.76 6.88 24.18
N ALA B 69 28.45 5.86 24.97
CA ALA B 69 27.99 4.58 24.41
C ALA B 69 26.67 4.77 23.68
N THR B 70 26.23 3.74 22.99
CA THR B 70 24.97 3.81 22.25
C THR B 70 23.96 2.82 22.83
N LEU B 71 22.85 3.32 23.38
CA LEU B 71 21.85 2.41 23.95
C LEU B 71 21.38 1.42 22.89
N LEU B 72 21.30 0.15 23.26
CA LEU B 72 20.89 -0.90 22.32
C LEU B 72 19.50 -1.40 22.65
N SER B 73 19.19 -1.51 23.94
CA SER B 73 17.88 -1.99 24.37
C SER B 73 17.63 -1.68 25.83
N ILE B 74 16.49 -2.15 26.33
CA ILE B 74 16.11 -1.96 27.72
C ILE B 74 15.52 -3.24 28.30
N LEU B 75 16.01 -3.65 29.48
CA LEU B 75 15.49 -4.84 30.15
C LEU B 75 14.34 -4.48 31.08
N SER B 76 13.27 -5.28 31.01
CA SER B 76 12.10 -5.04 31.83
C SER B 76 11.82 -6.17 32.79
N TYR B 77 12.23 -5.99 34.04
CA TYR B 77 12.00 -7.00 35.08
C TYR B 77 10.73 -6.61 35.82
N SER B 78 9.58 -7.00 35.26
CA SER B 78 8.31 -6.65 35.86
C SER B 78 7.62 -7.86 36.46
N TYR B 79 7.34 -7.78 37.76
CA TYR B 79 6.66 -8.88 38.40
C TYR B 79 5.26 -8.53 38.87
N ASP B 80 4.33 -8.63 37.93
CA ASP B 80 2.92 -8.39 38.14
C ASP B 80 2.30 -9.55 37.37
N LYS B 81 1.17 -9.32 36.72
CA LYS B 81 0.52 -10.35 35.94
C LYS B 81 -0.27 -9.69 34.82
N TYR B 82 0.45 -8.94 33.99
CA TYR B 82 -0.11 -8.19 32.86
C TYR B 82 -1.48 -7.59 33.18
N ASN B 83 -1.68 -7.27 34.45
CA ASN B 83 -2.91 -6.66 34.94
C ASN B 83 -2.73 -5.17 34.81
N ALA B 84 -3.03 -4.44 35.88
CA ALA B 84 -2.89 -2.98 35.92
C ALA B 84 -3.88 -2.24 35.03
N VAL B 85 -4.24 -2.82 33.89
CA VAL B 85 -5.18 -2.20 32.96
C VAL B 85 -6.54 -2.05 33.60
N GLU B 86 -6.98 -3.08 34.32
CA GLU B 86 -8.29 -3.04 34.95
C GLU B 86 -8.28 -1.91 36.00
N ARG B 87 -7.20 -1.84 36.75
CA ARG B 87 -7.03 -0.83 37.79
C ARG B 87 -6.94 0.62 37.25
N LYS B 88 -6.19 0.77 36.16
CA LYS B 88 -5.94 2.05 35.47
C LYS B 88 -7.17 2.68 34.82
N LEU B 89 -7.99 1.82 34.23
CA LEU B 89 -9.19 2.16 33.47
C LEU B 89 -10.32 2.84 34.24
N VAL B 90 -10.51 2.41 35.48
CA VAL B 90 -11.61 2.85 36.31
C VAL B 90 -11.59 4.33 36.61
N LYS B 91 -10.43 4.93 36.84
CA LYS B 91 -10.42 6.35 37.16
C LYS B 91 -11.00 7.12 35.97
N TYR B 92 -10.67 6.70 34.75
CA TYR B 92 -11.21 7.37 33.57
C TYR B 92 -12.67 6.99 33.21
N ALA B 93 -13.16 5.93 33.86
CA ALA B 93 -14.52 5.45 33.61
C ALA B 93 -15.58 5.95 34.59
N LYS B 94 -16.05 7.16 34.38
CA LYS B 94 -17.05 7.75 35.26
C LYS B 94 -18.34 8.10 34.54
N GLY B 95 -18.23 8.71 33.35
CA GLY B 95 -19.41 9.09 32.60
C GLY B 95 -20.35 7.93 32.39
N LYS B 96 -21.53 8.19 31.86
CA LYS B 96 -22.50 7.13 31.62
C LYS B 96 -22.10 6.26 30.45
N PRO B 97 -22.21 4.93 30.60
CA PRO B 97 -21.86 3.99 29.54
C PRO B 97 -22.77 4.16 28.35
N LEU B 98 -22.35 3.66 27.19
CA LEU B 98 -23.17 3.77 26.00
C LEU B 98 -24.10 2.59 25.86
N GLU B 99 -25.31 2.84 25.35
CA GLU B 99 -26.29 1.78 25.17
C GLU B 99 -26.50 1.53 23.69
N ALA B 100 -26.36 0.27 23.28
CA ALA B 100 -26.52 -0.10 21.90
C ALA B 100 -27.94 0.02 21.38
N ASP B 101 -28.13 0.85 20.36
CA ASP B 101 -29.45 1.02 19.76
C ASP B 101 -29.63 -0.12 18.77
N LEU B 102 -30.11 -1.25 19.27
CA LEU B 102 -30.31 -2.42 18.42
C LEU B 102 -31.47 -2.30 17.44
N THR B 103 -31.56 -1.20 16.72
CA THR B 103 -32.65 -1.05 15.76
C THR B 103 -32.22 -0.23 14.53
N VAL B 104 -30.93 0.06 14.41
CA VAL B 104 -30.46 0.86 13.29
C VAL B 104 -29.93 0.08 12.09
N ASN B 105 -29.58 -1.19 12.30
CA ASN B 105 -29.04 -2.00 11.21
C ASN B 105 -30.05 -3.00 10.64
N GLU B 106 -30.13 -3.06 9.31
CA GLU B 106 -31.03 -3.97 8.62
C GLU B 106 -30.74 -5.38 9.06
N LEU B 107 -29.64 -5.95 8.57
CA LEU B 107 -29.27 -7.31 8.95
C LEU B 107 -29.03 -7.40 10.46
N ASP B 108 -29.77 -8.25 11.13
CA ASP B 108 -29.68 -8.38 12.58
C ASP B 108 -28.29 -8.41 13.15
N TYR B 109 -27.48 -9.35 12.67
CA TYR B 109 -26.10 -9.51 13.18
C TYR B 109 -25.18 -8.28 13.03
N GLU B 110 -25.68 -7.20 12.45
CA GLU B 110 -24.87 -6.00 12.30
C GLU B 110 -25.16 -5.01 13.41
N ASN B 111 -25.94 -5.42 14.41
CA ASN B 111 -26.26 -4.57 15.55
C ASN B 111 -25.43 -4.98 16.78
N ASN B 112 -25.14 -4.01 17.63
CA ASN B 112 -24.32 -4.25 18.81
C ASN B 112 -25.05 -5.04 19.89
N LYS B 113 -25.54 -6.23 19.55
CA LYS B 113 -26.26 -7.06 20.52
C LYS B 113 -25.26 -7.77 21.44
N MET B 114 -25.78 -8.55 22.39
CA MET B 114 -24.92 -9.31 23.30
C MET B 114 -24.46 -10.55 22.58
N THR B 115 -23.14 -10.75 22.52
CA THR B 115 -22.55 -11.88 21.83
C THR B 115 -23.34 -13.17 21.95
N SER B 116 -23.78 -13.49 23.17
CA SER B 116 -24.56 -14.70 23.42
C SER B 116 -25.83 -14.76 22.56
N GLU B 117 -26.54 -13.63 22.50
CA GLU B 117 -27.76 -13.52 21.71
C GLU B 117 -27.50 -13.74 20.22
N LEU B 118 -26.24 -13.70 19.82
CA LEU B 118 -25.86 -13.91 18.42
C LEU B 118 -25.42 -15.34 18.20
N PHE B 119 -24.65 -15.88 19.16
CA PHE B 119 -24.15 -17.25 19.10
C PHE B 119 -24.30 -17.93 20.47
N PRO B 120 -25.47 -18.52 20.74
CA PRO B 120 -25.79 -19.21 21.99
C PRO B 120 -24.86 -20.34 22.37
N THR B 121 -24.26 -20.99 21.38
CA THR B 121 -23.37 -22.10 21.67
C THR B 121 -21.94 -21.79 21.23
N ALA B 122 -20.98 -22.06 22.11
CA ALA B 122 -19.57 -21.80 21.83
C ALA B 122 -19.12 -22.38 20.49
N GLU B 123 -19.94 -23.23 19.89
CA GLU B 123 -19.60 -23.84 18.62
C GLU B 123 -20.20 -23.05 17.46
N GLU B 124 -21.07 -22.10 17.81
CA GLU B 124 -21.72 -21.26 16.80
C GLU B 124 -21.02 -19.90 16.72
N TYR B 125 -20.04 -19.71 17.61
CA TYR B 125 -19.30 -18.47 17.69
C TYR B 125 -18.27 -18.36 16.58
N THR B 126 -18.01 -17.11 16.17
CA THR B 126 -17.06 -16.78 15.12
C THR B 126 -16.74 -15.30 15.19
N ASP B 127 -15.45 -14.97 15.08
CA ASP B 127 -15.02 -13.58 15.11
C ASP B 127 -15.00 -13.05 13.70
N SER B 128 -15.35 -13.92 12.76
CA SER B 128 -15.38 -13.58 11.33
C SER B 128 -16.01 -12.21 11.01
N LEU B 129 -16.69 -11.61 11.96
CA LEU B 129 -17.35 -10.34 11.70
C LEU B 129 -16.88 -9.18 12.58
N MET B 130 -15.81 -9.37 13.35
CA MET B 130 -15.32 -8.30 14.21
C MET B 130 -13.82 -8.39 14.49
N ASP B 131 -13.20 -9.48 14.08
CA ASP B 131 -11.78 -9.70 14.31
C ASP B 131 -10.91 -8.51 13.88
N PRO B 132 -10.33 -7.80 14.83
CA PRO B 132 -9.47 -6.65 14.53
C PRO B 132 -8.37 -7.05 13.56
N ALA B 133 -8.10 -8.35 13.52
CA ALA B 133 -7.10 -8.94 12.64
C ALA B 133 -5.69 -8.38 12.80
N ILE B 134 -5.48 -7.47 13.75
CA ILE B 134 -4.16 -6.88 13.95
C ILE B 134 -3.44 -7.59 15.06
N LEU B 135 -2.12 -7.49 15.05
CA LEU B 135 -1.27 -8.15 16.03
C LEU B 135 -0.89 -7.29 17.23
N THR B 136 -1.86 -6.61 17.79
CA THR B 136 -1.66 -5.76 18.95
C THR B 136 -2.97 -5.86 19.72
N SER B 137 -2.87 -5.86 21.04
CA SER B 137 -4.06 -6.00 21.89
C SER B 137 -4.87 -4.74 22.22
N LEU B 138 -6.14 -4.96 22.52
CA LEU B 138 -7.06 -3.92 22.92
C LEU B 138 -6.56 -3.31 24.19
N SER B 139 -6.07 -4.18 25.07
CA SER B 139 -5.55 -3.76 26.38
C SER B 139 -4.34 -2.85 26.19
N SER B 140 -3.49 -3.18 25.21
CA SER B 140 -2.32 -2.37 24.92
C SER B 140 -2.74 -0.99 24.39
N ASN B 141 -3.76 -0.94 23.53
CA ASN B 141 -4.21 0.33 22.96
C ASN B 141 -4.72 1.23 24.07
N LEU B 142 -5.46 0.63 24.99
CA LEU B 142 -6.04 1.35 26.12
C LEU B 142 -4.90 1.86 26.98
N ASN B 143 -3.88 1.02 27.14
CA ASN B 143 -2.75 1.38 27.96
C ASN B 143 -2.04 2.57 27.36
N ALA B 144 -1.94 2.57 26.04
CA ALA B 144 -1.27 3.66 25.35
C ALA B 144 -1.97 5.01 25.53
N VAL B 145 -3.30 5.02 25.45
CA VAL B 145 -4.05 6.27 25.59
C VAL B 145 -3.94 6.85 26.99
N MET B 146 -4.00 5.99 27.99
CA MET B 146 -3.91 6.41 29.38
C MET B 146 -2.55 6.97 29.70
N PHE B 147 -1.52 6.34 29.14
CA PHE B 147 -0.17 6.77 29.37
C PHE B 147 0.02 8.17 28.79
N TRP B 148 -0.53 8.39 27.60
CA TRP B 148 -0.42 9.68 26.95
C TRP B 148 -1.16 10.72 27.75
N LEU B 149 -2.31 10.34 28.28
CA LEU B 149 -3.14 11.24 29.06
C LEU B 149 -2.41 11.68 30.33
N GLU B 150 -1.68 10.77 30.97
CA GLU B 150 -0.96 11.10 32.18
C GLU B 150 0.15 12.09 31.91
N LYS B 151 0.86 11.88 30.81
CA LYS B 151 1.97 12.75 30.46
C LYS B 151 1.52 14.15 30.12
N HIS B 152 0.41 14.25 29.42
CA HIS B 152 -0.12 15.56 29.06
C HIS B 152 -1.24 15.96 30.00
N GLU B 153 -1.09 15.61 31.27
CA GLU B 153 -2.09 15.94 32.29
C GLU B 153 -1.81 17.35 32.82
N ASN B 154 -0.52 17.69 32.93
CA ASN B 154 -0.11 19.00 33.44
C ASN B 154 0.42 19.92 32.36
N ASP B 155 -0.35 20.10 31.29
CA ASP B 155 0.06 20.97 30.20
C ASP B 155 -0.79 22.22 30.29
N VAL B 156 -0.44 23.25 29.51
CA VAL B 156 -1.20 24.50 29.59
C VAL B 156 -1.52 25.11 28.22
N ALA B 157 -2.42 26.08 28.24
CA ALA B 157 -2.85 26.78 27.03
C ALA B 157 -3.57 25.90 26.01
N GLU B 158 -3.13 25.96 24.75
CA GLU B 158 -3.72 25.19 23.66
C GLU B 158 -3.46 23.70 23.75
N LYS B 159 -2.35 23.33 24.35
CA LYS B 159 -1.98 21.93 24.53
C LYS B 159 -3.01 21.29 25.44
N LEU B 160 -3.43 22.06 26.45
CA LEU B 160 -4.39 21.61 27.45
C LEU B 160 -5.73 21.32 26.81
N LYS B 161 -6.12 22.16 25.86
CA LYS B 161 -7.39 22.03 25.19
C LYS B 161 -7.39 20.70 24.43
N VAL B 162 -6.27 20.35 23.84
CA VAL B 162 -6.14 19.10 23.12
C VAL B 162 -6.30 17.96 24.11
N TYR B 163 -5.70 18.10 25.28
CA TYR B 163 -5.80 17.06 26.30
C TYR B 163 -7.24 16.94 26.80
N LYS B 164 -7.86 18.10 27.01
CA LYS B 164 -9.22 18.11 27.49
C LYS B 164 -10.22 17.54 26.47
N ARG B 165 -10.06 17.87 25.19
CA ARG B 165 -10.98 17.35 24.21
C ARG B 165 -10.81 15.84 24.17
N ARG B 166 -9.56 15.41 24.21
CA ARG B 166 -9.22 14.00 24.21
C ARG B 166 -9.66 13.25 25.45
N LEU B 167 -9.51 13.91 26.59
CA LEU B 167 -9.86 13.30 27.87
C LEU B 167 -11.35 13.02 27.93
N ASP B 168 -12.15 13.96 27.44
CA ASP B 168 -13.58 13.79 27.43
C ASP B 168 -13.92 12.55 26.62
N LEU B 169 -13.43 12.51 25.39
CA LEU B 169 -13.70 11.39 24.50
C LEU B 169 -13.37 10.02 25.09
N PHE B 170 -12.13 9.84 25.53
CA PHE B 170 -11.75 8.57 26.10
C PHE B 170 -12.66 8.17 27.25
N THR B 171 -13.35 9.16 27.82
CA THR B 171 -14.25 8.87 28.93
C THR B 171 -15.36 7.96 28.46
N ILE B 172 -15.87 8.20 27.26
CA ILE B 172 -16.93 7.38 26.70
C ILE B 172 -16.41 5.97 26.48
N VAL B 173 -15.19 5.89 25.96
CA VAL B 173 -14.57 4.61 25.70
C VAL B 173 -14.29 3.84 27.00
N ALA B 174 -13.81 4.56 28.00
CA ALA B 174 -13.46 3.97 29.28
C ALA B 174 -14.66 3.46 30.05
N SER B 175 -15.68 4.30 30.14
CA SER B 175 -16.88 3.92 30.86
C SER B 175 -17.63 2.75 30.23
N THR B 176 -17.77 2.78 28.91
CA THR B 176 -18.48 1.74 28.21
C THR B 176 -17.75 0.40 28.34
N ILE B 177 -16.44 0.44 28.20
CA ILE B 177 -15.64 -0.78 28.31
C ILE B 177 -15.72 -1.37 29.71
N ASN B 178 -15.71 -0.49 30.72
CA ASN B 178 -15.75 -0.91 32.11
C ASN B 178 -17.02 -1.63 32.48
N LYS B 179 -18.16 -1.17 31.98
CA LYS B 179 -19.43 -1.79 32.27
C LYS B 179 -19.36 -3.30 32.07
N TYR B 180 -18.39 -3.75 31.28
CA TYR B 180 -18.24 -5.17 30.99
C TYR B 180 -16.84 -5.66 31.35
N GLY B 181 -15.92 -4.73 31.52
CA GLY B 181 -14.54 -5.07 31.82
C GLY B 181 -13.76 -5.22 30.53
N VAL B 182 -12.44 -5.12 30.61
CA VAL B 182 -11.62 -5.24 29.41
C VAL B 182 -11.52 -6.69 28.92
N PRO B 183 -11.85 -6.93 27.65
CA PRO B 183 -11.79 -8.28 27.07
C PRO B 183 -10.35 -8.78 27.07
N ARG B 184 -10.15 -10.09 27.21
CA ARG B 184 -8.78 -10.61 27.20
C ARG B 184 -8.48 -11.36 25.90
N HIS B 185 -7.24 -11.20 25.44
CA HIS B 185 -6.79 -11.82 24.19
C HIS B 185 -5.95 -13.06 24.41
N ASN B 186 -5.97 -13.94 23.41
CA ASN B 186 -5.23 -15.19 23.48
C ASN B 186 -3.79 -14.99 23.02
N ALA B 187 -3.16 -16.08 22.60
CA ALA B 187 -1.78 -16.03 22.13
C ALA B 187 -1.68 -15.41 20.74
N LYS B 188 -2.76 -15.48 19.97
CA LYS B 188 -2.77 -14.91 18.63
C LYS B 188 -3.63 -13.66 18.54
N TYR B 189 -3.55 -12.82 19.57
CA TYR B 189 -4.30 -11.57 19.60
C TYR B 189 -5.72 -11.70 19.07
N ARG B 190 -6.38 -12.78 19.44
CA ARG B 190 -7.77 -13.01 19.04
C ARG B 190 -8.65 -12.99 20.28
N TYR B 191 -9.95 -12.75 20.10
CA TYR B 191 -10.88 -12.71 21.22
C TYR B 191 -11.85 -13.88 21.09
N GLU B 192 -11.71 -14.83 22.01
CA GLU B 192 -12.55 -16.03 22.02
C GLU B 192 -13.96 -15.83 22.58
N TYR B 193 -14.74 -16.90 22.58
CA TYR B 193 -16.11 -16.88 23.04
C TYR B 193 -16.35 -16.69 24.53
N ASP B 194 -15.48 -17.22 25.38
CA ASP B 194 -15.76 -17.05 26.79
C ASP B 194 -15.68 -15.61 27.27
N VAL B 195 -14.66 -14.88 26.82
CA VAL B 195 -14.55 -13.46 27.17
C VAL B 195 -15.67 -12.64 26.53
N MET B 196 -15.91 -12.98 25.27
CA MET B 196 -16.89 -12.37 24.39
C MET B 196 -18.40 -12.42 24.67
N LYS B 197 -18.89 -13.55 25.16
CA LYS B 197 -20.32 -13.76 25.36
C LYS B 197 -20.93 -12.79 26.37
N ASP B 198 -20.24 -12.48 27.46
CA ASP B 198 -20.78 -11.52 28.42
C ASP B 198 -20.79 -10.10 27.82
N LYS B 199 -19.81 -9.80 26.98
CA LYS B 199 -19.69 -8.48 26.36
C LYS B 199 -20.36 -8.31 25.00
N PRO B 200 -20.72 -7.06 24.65
CA PRO B 200 -21.35 -6.76 23.36
C PRO B 200 -20.41 -7.22 22.23
N TYR B 201 -20.96 -7.94 21.26
CA TYR B 201 -20.18 -8.45 20.13
C TYR B 201 -19.11 -7.50 19.56
N TYR B 202 -19.55 -6.36 19.01
CA TYR B 202 -18.62 -5.40 18.42
C TYR B 202 -17.86 -4.48 19.39
N LEU B 203 -17.80 -4.83 20.65
CA LEU B 203 -17.12 -3.98 21.63
C LEU B 203 -15.66 -3.75 21.36
N VAL B 204 -14.92 -4.81 21.08
CA VAL B 204 -13.49 -4.68 20.86
C VAL B 204 -13.10 -3.88 19.61
N THR B 205 -13.77 -4.10 18.49
CA THR B 205 -13.48 -3.35 17.27
C THR B 205 -13.81 -1.88 17.40
N TRP B 206 -14.96 -1.62 18.03
CA TRP B 206 -15.44 -0.26 18.22
C TRP B 206 -14.51 0.56 19.10
N ALA B 207 -14.02 -0.06 20.16
CA ALA B 207 -13.12 0.62 21.08
C ALA B 207 -11.85 0.98 20.32
N ASN B 208 -11.40 0.06 19.46
CA ASN B 208 -10.19 0.31 18.70
C ASN B 208 -10.35 1.50 17.72
N SER B 209 -11.49 1.56 17.05
CA SER B 209 -11.73 2.64 16.11
C SER B 209 -11.81 3.99 16.81
N SER B 210 -12.51 4.04 17.94
CA SER B 210 -12.66 5.28 18.71
C SER B 210 -11.34 5.75 19.28
N ILE B 211 -10.56 4.80 19.79
CA ILE B 211 -9.27 5.14 20.36
C ILE B 211 -8.37 5.69 19.26
N GLU B 212 -8.42 5.07 18.10
CA GLU B 212 -7.61 5.50 16.97
C GLU B 212 -8.06 6.87 16.55
N MET B 213 -9.37 7.09 16.52
CA MET B 213 -9.92 8.39 16.14
C MET B 213 -9.60 9.52 17.12
N LEU B 214 -9.69 9.22 18.42
CA LEU B 214 -9.45 10.22 19.44
C LEU B 214 -7.99 10.64 19.51
N MET B 215 -7.08 9.67 19.37
CA MET B 215 -5.67 9.98 19.40
C MET B 215 -5.26 10.74 18.14
N SER B 216 -6.23 11.12 17.34
CA SER B 216 -5.98 11.86 16.12
C SER B 216 -6.80 13.15 16.18
N VAL B 217 -7.07 13.60 17.40
CA VAL B 217 -7.86 14.81 17.64
C VAL B 217 -7.00 15.96 18.13
N PHE B 218 -7.20 17.12 17.54
CA PHE B 218 -6.45 18.31 17.93
C PHE B 218 -7.37 19.52 18.09
N SER B 219 -7.83 20.07 16.96
CA SER B 219 -8.71 21.23 16.96
C SER B 219 -10.10 20.84 17.47
N HIS B 220 -10.89 21.84 17.85
CA HIS B 220 -12.24 21.62 18.35
C HIS B 220 -13.07 20.85 17.31
N ASP B 221 -12.81 21.13 16.04
CA ASP B 221 -13.51 20.45 14.96
C ASP B 221 -13.19 18.96 15.00
N ASP B 222 -11.93 18.61 15.28
CA ASP B 222 -11.54 17.22 15.34
C ASP B 222 -12.33 16.58 16.48
N TYR B 223 -12.45 17.29 17.59
CA TYR B 223 -13.17 16.78 18.74
C TYR B 223 -14.64 16.57 18.46
N LEU B 224 -15.23 17.52 17.74
CA LEU B 224 -16.65 17.39 17.43
C LEU B 224 -16.88 16.19 16.51
N ILE B 225 -16.01 16.03 15.52
CA ILE B 225 -16.13 14.95 14.55
C ILE B 225 -15.92 13.58 15.15
N ALA B 226 -14.90 13.47 16.00
CA ALA B 226 -14.60 12.20 16.62
C ALA B 226 -15.73 11.71 17.51
N LYS B 227 -16.33 12.62 18.25
CA LYS B 227 -17.40 12.28 19.17
C LYS B 227 -18.66 11.76 18.46
N GLU B 228 -19.04 12.43 17.38
CA GLU B 228 -20.23 11.99 16.66
C GLU B 228 -20.04 10.60 16.03
N LEU B 229 -18.88 10.37 15.44
CA LEU B 229 -18.55 9.11 14.80
C LEU B 229 -18.45 7.99 15.79
N ILE B 230 -17.87 8.28 16.94
CA ILE B 230 -17.72 7.29 18.02
C ILE B 230 -19.07 6.85 18.63
N VAL B 231 -19.89 7.80 19.03
CA VAL B 231 -21.18 7.43 19.62
C VAL B 231 -22.11 6.75 18.61
N LEU B 232 -22.14 7.29 17.41
CA LEU B 232 -22.97 6.75 16.34
C LEU B 232 -22.52 5.36 15.87
N SER B 233 -21.21 5.17 15.81
CA SER B 233 -20.53 3.95 15.34
C SER B 233 -20.86 2.78 16.23
N TYR B 234 -20.97 3.03 17.52
CA TYR B 234 -21.23 1.98 18.49
C TYR B 234 -22.61 1.37 18.15
N SER B 235 -23.57 2.20 17.76
CA SER B 235 -24.88 1.69 17.37
C SER B 235 -24.88 1.23 15.88
N ASN B 236 -24.54 2.15 14.98
CA ASN B 236 -24.52 1.89 13.55
C ASN B 236 -23.25 1.18 13.10
N ARG B 237 -23.41 0.12 12.30
CA ARG B 237 -22.26 -0.64 11.79
C ARG B 237 -22.40 -0.98 10.29
N SER B 238 -23.17 -0.20 9.54
CA SER B 238 -23.32 -0.48 8.13
C SER B 238 -23.65 0.67 7.17
N THR B 239 -23.89 1.87 7.68
CA THR B 239 -24.19 2.99 6.79
C THR B 239 -23.69 4.37 7.28
N LEU B 240 -23.07 4.39 8.44
CA LEU B 240 -22.61 5.66 8.97
C LEU B 240 -21.51 6.28 8.14
N ALA B 241 -20.56 5.46 7.69
CA ALA B 241 -19.45 5.94 6.86
C ALA B 241 -19.92 6.42 5.49
N LYS B 242 -20.84 5.67 4.91
CA LYS B 242 -21.41 5.99 3.61
C LYS B 242 -22.23 7.29 3.64
N LEU B 243 -23.02 7.46 4.71
CA LEU B 243 -23.84 8.65 4.88
C LEU B 243 -22.99 9.90 5.07
N VAL B 244 -21.95 9.76 5.88
CA VAL B 244 -21.05 10.86 6.18
C VAL B 244 -20.25 11.34 5.02
N SER B 245 -19.78 10.42 4.19
CA SER B 245 -18.95 10.76 3.05
C SER B 245 -19.63 10.83 1.69
N SER B 246 -20.96 10.89 1.66
CA SER B 246 -21.65 10.96 0.38
C SER B 246 -21.83 12.38 -0.19
N PRO B 247 -22.08 13.40 0.67
CA PRO B 247 -22.27 14.79 0.26
C PRO B 247 -21.04 15.38 -0.46
N MET B 248 -19.91 14.69 -0.37
CA MET B 248 -18.66 15.13 -1.00
C MET B 248 -18.73 15.22 -2.53
N SER B 249 -19.42 14.27 -3.16
CA SER B 249 -19.51 14.28 -4.60
C SER B 249 -20.25 15.52 -5.06
N ILE B 250 -21.30 15.89 -4.37
CA ILE B 250 -22.07 17.09 -4.68
C ILE B 250 -21.24 18.37 -4.45
N LEU B 251 -20.43 18.37 -3.40
CA LEU B 251 -19.64 19.52 -2.95
C LEU B 251 -18.59 20.01 -3.95
N VAL B 252 -17.95 19.11 -4.66
CA VAL B 252 -16.88 19.50 -5.57
C VAL B 252 -17.45 20.38 -6.69
N ALA B 253 -18.66 20.05 -7.15
CA ALA B 253 -19.27 20.81 -8.24
C ALA B 253 -19.51 22.27 -7.81
N LEU B 254 -19.91 22.47 -6.58
CA LEU B 254 -20.17 23.82 -6.06
C LEU B 254 -19.01 24.87 -6.04
N VAL B 255 -17.84 24.51 -5.54
CA VAL B 255 -16.71 25.44 -5.45
C VAL B 255 -16.15 26.00 -6.75
N ASP B 256 -15.88 27.31 -6.73
CA ASP B 256 -15.36 28.02 -7.89
C ASP B 256 -13.87 27.76 -8.08
N ILE B 257 -13.37 28.01 -9.30
CA ILE B 257 -11.95 27.83 -9.60
C ILE B 257 -11.25 29.20 -9.74
N ASN B 258 -10.28 29.44 -8.86
CA ASN B 258 -9.50 30.66 -8.88
C ASN B 258 -8.02 30.29 -8.95
N GLY B 259 -7.52 30.16 -10.17
CA GLY B 259 -6.13 29.79 -10.34
C GLY B 259 -5.89 28.34 -10.01
N THR B 260 -5.62 27.53 -11.03
CA THR B 260 -5.39 26.11 -10.85
C THR B 260 -4.13 25.69 -11.58
N PHE B 261 -3.80 24.41 -11.49
CA PHE B 261 -2.62 23.89 -12.18
C PHE B 261 -3.09 22.97 -13.29
N ILE B 262 -2.50 23.11 -14.47
CA ILE B 262 -2.88 22.29 -15.61
C ILE B 262 -1.73 21.48 -16.21
N THR B 263 -2.05 20.72 -17.26
CA THR B 263 -1.06 19.91 -17.93
C THR B 263 -0.58 20.57 -19.23
N ASN B 264 0.73 20.60 -19.43
CA ASN B 264 1.26 21.21 -20.63
C ASN B 264 1.81 20.13 -21.57
N GLU B 265 2.21 20.56 -22.77
CA GLU B 265 2.74 19.65 -23.79
C GLU B 265 3.80 18.68 -23.27
N GLU B 266 4.71 19.18 -22.43
CA GLU B 266 5.76 18.35 -21.86
C GLU B 266 5.18 17.48 -20.74
N LEU B 267 3.85 17.48 -20.63
CA LEU B 267 3.15 16.69 -19.63
C LEU B 267 3.64 17.00 -18.22
N GLU B 268 3.79 18.28 -17.91
CA GLU B 268 4.21 18.69 -16.58
C GLU B 268 3.24 19.74 -16.01
N LEU B 269 3.12 19.79 -14.69
CA LEU B 269 2.24 20.76 -14.04
C LEU B 269 2.70 22.20 -14.25
N GLU B 270 1.78 23.02 -14.75
CA GLU B 270 2.06 24.42 -15.03
C GLU B 270 0.93 25.22 -14.42
N PHE B 271 1.25 26.37 -13.81
CA PHE B 271 0.22 27.18 -13.19
C PHE B 271 -0.63 27.99 -14.18
N SER B 272 -1.94 28.02 -13.94
CA SER B 272 -2.88 28.77 -14.77
C SER B 272 -3.74 29.63 -13.83
N ASN B 273 -3.74 30.94 -14.06
CA ASN B 273 -4.49 31.87 -13.23
C ASN B 273 -5.96 32.08 -13.64
N LYS B 274 -6.48 31.18 -14.48
CA LYS B 274 -7.87 31.30 -14.93
C LYS B 274 -8.93 31.23 -13.84
N TYR B 275 -10.15 31.53 -14.23
CA TYR B 275 -11.30 31.51 -13.33
C TYR B 275 -12.43 30.74 -13.99
N VAL B 276 -12.99 29.79 -13.26
CA VAL B 276 -14.11 29.00 -13.79
C VAL B 276 -15.27 29.04 -12.81
N ARG B 277 -16.39 29.61 -13.26
CA ARG B 277 -17.57 29.72 -12.42
C ARG B 277 -18.24 28.37 -12.23
N ALA B 278 -18.61 28.08 -10.98
CA ALA B 278 -19.28 26.83 -10.68
C ALA B 278 -20.74 27.01 -11.06
N ILE B 279 -21.24 26.11 -11.90
CA ILE B 279 -22.64 26.16 -12.31
C ILE B 279 -23.40 24.94 -11.78
N VAL B 280 -24.39 25.19 -10.92
CA VAL B 280 -25.16 24.11 -10.33
C VAL B 280 -26.68 24.29 -10.46
N PRO B 281 -27.38 23.27 -11.02
CA PRO B 281 -28.83 23.32 -11.20
C PRO B 281 -29.55 23.11 -9.88
N ASP B 282 -30.63 23.87 -9.68
CA ASP B 282 -31.43 23.79 -8.44
C ASP B 282 -31.72 22.38 -7.98
N GLN B 283 -31.81 21.45 -8.94
CA GLN B 283 -32.10 20.05 -8.67
C GLN B 283 -30.99 19.42 -7.85
N THR B 284 -29.77 19.78 -8.18
CA THR B 284 -28.58 19.26 -7.51
C THR B 284 -28.60 19.68 -6.05
N PHE B 285 -29.02 20.92 -5.81
CA PHE B 285 -29.09 21.44 -4.46
C PHE B 285 -30.10 20.63 -3.64
N ASP B 286 -31.21 20.25 -4.28
CA ASP B 286 -32.22 19.44 -3.60
C ASP B 286 -31.58 18.08 -3.26
N GLU B 287 -30.78 17.55 -4.18
CA GLU B 287 -30.16 16.26 -3.95
C GLU B 287 -29.22 16.31 -2.77
N LEU B 288 -28.45 17.38 -2.66
CA LEU B 288 -27.50 17.56 -1.56
C LEU B 288 -28.24 17.63 -0.24
N ASN B 289 -29.38 18.33 -0.26
CA ASN B 289 -30.21 18.50 0.91
C ASN B 289 -30.75 17.16 1.38
N GLN B 290 -31.13 16.31 0.42
CA GLN B 290 -31.66 15.01 0.76
C GLN B 290 -30.56 14.22 1.45
N MET B 291 -29.34 14.36 0.97
CA MET B 291 -28.21 13.66 1.56
C MET B 291 -27.98 14.15 2.99
N LEU B 292 -28.08 15.45 3.20
CA LEU B 292 -27.91 16.05 4.51
C LEU B 292 -29.01 15.62 5.47
N ASP B 293 -30.23 15.56 4.94
CA ASP B 293 -31.39 15.13 5.74
C ASP B 293 -31.22 13.69 6.18
N ASN B 294 -30.69 12.87 5.29
CA ASN B 294 -30.47 11.46 5.57
C ASN B 294 -29.45 11.34 6.71
N MET B 295 -28.44 12.20 6.72
CA MET B 295 -27.45 12.12 7.77
C MET B 295 -28.16 12.42 9.07
N ARG B 296 -29.04 13.41 9.03
CA ARG B 296 -29.78 13.81 10.22
C ARG B 296 -30.72 12.72 10.74
N LYS B 297 -31.42 12.05 9.83
CA LYS B 297 -32.34 11.00 10.21
C LYS B 297 -31.60 9.90 10.94
N ALA B 298 -30.29 9.82 10.74
CA ALA B 298 -29.48 8.79 11.36
C ALA B 298 -28.85 9.23 12.67
N GLY B 299 -29.41 10.29 13.26
CA GLY B 299 -28.90 10.75 14.55
C GLY B 299 -27.83 11.80 14.47
N LEU B 300 -27.23 11.93 13.29
CA LEU B 300 -26.19 12.91 13.08
C LEU B 300 -26.68 14.36 13.28
N VAL B 301 -25.84 15.20 13.88
CA VAL B 301 -26.21 16.59 14.12
C VAL B 301 -25.06 17.58 13.85
N ASP B 302 -23.93 17.39 14.53
CA ASP B 302 -22.80 18.28 14.37
C ASP B 302 -22.20 18.27 12.97
N ILE B 303 -22.06 17.10 12.38
CA ILE B 303 -21.49 16.97 11.06
C ILE B 303 -22.36 17.60 9.97
N PRO B 304 -23.68 17.41 10.04
CA PRO B 304 -24.56 17.97 9.03
C PRO B 304 -24.53 19.47 9.05
N LYS B 305 -24.47 20.04 10.24
CA LYS B 305 -24.43 21.49 10.41
C LYS B 305 -23.15 22.10 9.81
N MET B 306 -22.03 21.42 9.98
CA MET B 306 -20.76 21.95 9.48
C MET B 306 -20.83 22.05 7.97
N ILE B 307 -21.40 21.04 7.32
CA ILE B 307 -21.52 21.07 5.87
C ILE B 307 -22.48 22.19 5.44
N GLN B 308 -23.55 22.33 6.21
CA GLN B 308 -24.56 23.34 5.93
C GLN B 308 -24.02 24.76 6.09
N ASP B 309 -23.20 24.98 7.12
CA ASP B 309 -22.63 26.30 7.36
C ASP B 309 -21.72 26.66 6.21
N TRP B 310 -20.97 25.69 5.75
CA TRP B 310 -20.03 25.89 4.65
C TRP B 310 -20.78 26.27 3.37
N LEU B 311 -21.92 25.63 3.17
CA LEU B 311 -22.71 25.86 1.97
C LEU B 311 -23.15 27.31 1.72
N VAL B 312 -23.19 28.12 2.76
CA VAL B 312 -23.63 29.51 2.57
C VAL B 312 -22.77 30.27 1.58
N ASP B 313 -21.47 30.03 1.60
CA ASP B 313 -20.55 30.70 0.69
C ASP B 313 -19.68 29.74 -0.16
N ARG B 314 -19.51 28.52 0.32
CA ARG B 314 -18.73 27.51 -0.40
C ARG B 314 -17.36 28.01 -0.77
N SER B 315 -16.66 28.62 0.19
CA SER B 315 -15.32 29.15 -0.09
C SER B 315 -14.27 28.05 -0.06
N ILE B 316 -13.49 27.95 -1.13
CA ILE B 316 -12.46 26.94 -1.19
C ILE B 316 -11.48 27.10 -0.03
N GLU B 317 -11.62 28.20 0.71
CA GLU B 317 -10.73 28.47 1.84
C GLU B 317 -11.22 27.82 3.11
N LYS B 318 -12.53 27.58 3.18
CA LYS B 318 -13.12 26.94 4.35
C LYS B 318 -13.54 25.53 3.97
N PHE B 319 -12.97 25.04 2.89
CA PHE B 319 -13.25 23.72 2.35
C PHE B 319 -12.49 22.57 3.06
N PRO B 320 -11.31 22.86 3.63
CA PRO B 320 -10.56 21.81 4.32
C PRO B 320 -11.39 21.04 5.33
N LEU B 321 -12.41 21.69 5.89
CA LEU B 321 -13.26 21.02 6.87
C LEU B 321 -14.06 19.90 6.21
N MET B 322 -14.53 20.16 5.00
CA MET B 322 -15.29 19.17 4.26
C MET B 322 -14.37 17.99 3.97
N ALA B 323 -13.14 18.31 3.61
CA ALA B 323 -12.10 17.34 3.29
C ALA B 323 -11.77 16.52 4.54
N LYS B 324 -11.72 17.20 5.68
CA LYS B 324 -11.39 16.55 6.96
C LYS B 324 -12.46 15.52 7.29
N ILE B 325 -13.72 15.88 7.05
CA ILE B 325 -14.83 14.96 7.34
C ILE B 325 -14.81 13.72 6.47
N TYR B 326 -14.47 13.90 5.19
CA TYR B 326 -14.46 12.80 4.21
C TYR B 326 -13.42 11.77 4.61
N SER B 327 -12.26 12.22 5.03
CA SER B 327 -11.19 11.34 5.49
C SER B 327 -11.56 10.61 6.79
N TRP B 328 -12.24 11.33 7.66
CA TRP B 328 -12.64 10.87 8.98
C TRP B 328 -13.59 9.70 9.09
N SER B 329 -14.56 9.65 8.21
CA SER B 329 -15.57 8.62 8.33
C SER B 329 -14.98 7.23 8.15
N PHE B 330 -14.05 7.09 7.21
CA PHE B 330 -13.43 5.80 6.95
C PHE B 330 -12.85 5.17 8.20
N HIS B 331 -12.58 6.00 9.20
CA HIS B 331 -11.99 5.50 10.44
C HIS B 331 -12.95 4.85 11.44
N VAL B 332 -14.13 4.49 10.95
CA VAL B 332 -15.11 3.86 11.81
C VAL B 332 -14.96 2.34 11.74
N GLY B 333 -14.01 1.87 10.94
CA GLY B 333 -13.77 0.43 10.84
C GLY B 333 -14.32 -0.12 9.55
N PHE B 334 -14.06 -1.40 9.31
CA PHE B 334 -14.54 -2.06 8.10
C PHE B 334 -15.94 -2.66 8.27
N ARG B 335 -16.68 -2.77 7.16
CA ARG B 335 -18.01 -3.37 7.24
C ARG B 335 -17.83 -4.80 6.77
N LYS B 336 -17.87 -5.74 7.71
CA LYS B 336 -17.71 -7.15 7.38
C LYS B 336 -19.02 -7.94 7.46
N GLN B 337 -19.71 -8.07 6.32
CA GLN B 337 -20.97 -8.81 6.25
C GLN B 337 -20.72 -10.32 6.25
N LYS B 338 -21.80 -11.08 6.09
CA LYS B 338 -21.74 -12.54 6.01
C LYS B 338 -21.61 -12.88 4.53
N MET B 339 -20.64 -13.72 4.20
CA MET B 339 -20.39 -14.09 2.82
C MET B 339 -21.65 -14.16 1.96
N LEU B 340 -22.69 -14.77 2.49
CA LEU B 340 -23.91 -14.92 1.72
C LEU B 340 -24.55 -13.56 1.45
N ASP B 341 -24.54 -12.70 2.44
CA ASP B 341 -25.13 -11.39 2.29
C ASP B 341 -24.36 -10.57 1.25
N ALA B 342 -23.03 -10.65 1.29
CA ALA B 342 -22.22 -9.90 0.34
C ALA B 342 -22.46 -10.45 -1.03
N ALA B 343 -22.50 -11.77 -1.08
CA ALA B 343 -22.79 -12.51 -2.31
C ALA B 343 -24.22 -12.33 -2.84
N LEU B 344 -25.19 -12.27 -1.94
CA LEU B 344 -26.59 -12.19 -2.27
C LEU B 344 -27.09 -10.96 -3.00
N ASP B 345 -26.60 -9.77 -2.65
CA ASP B 345 -27.06 -8.54 -3.28
C ASP B 345 -27.31 -8.73 -4.78
N GLN B 346 -26.34 -9.32 -5.48
CA GLN B 346 -26.46 -9.56 -6.91
C GLN B 346 -27.69 -10.38 -7.31
N GLU B 358 -30.29 -6.33 -26.18
CA GLU B 358 -30.89 -5.74 -27.37
C GLU B 358 -30.32 -4.34 -27.62
N MET B 359 -29.84 -3.71 -26.55
CA MET B 359 -29.26 -2.37 -26.65
C MET B 359 -27.77 -2.39 -26.27
N TYR B 360 -27.30 -3.51 -25.74
CA TYR B 360 -25.90 -3.66 -25.37
C TYR B 360 -25.14 -4.00 -26.64
N ARG B 361 -25.81 -3.93 -27.78
CA ARG B 361 -25.16 -4.29 -29.04
C ARG B 361 -24.04 -3.30 -29.34
N GLU B 362 -24.30 -2.01 -29.13
CA GLU B 362 -23.27 -1.01 -29.33
C GLU B 362 -22.14 -1.18 -28.32
N TYR B 363 -22.53 -1.44 -27.07
CA TYR B 363 -21.60 -1.60 -25.96
C TYR B 363 -20.69 -2.80 -26.10
N THR B 364 -21.26 -3.91 -26.52
CA THR B 364 -20.50 -5.13 -26.72
C THR B 364 -19.49 -5.00 -27.84
N MET B 365 -19.88 -4.33 -28.92
CA MET B 365 -19.03 -4.19 -30.11
C MET B 365 -17.77 -3.42 -29.81
N LEU B 366 -17.88 -2.36 -29.02
CA LEU B 366 -16.72 -1.55 -28.66
C LEU B 366 -15.74 -2.37 -27.82
N ILE B 367 -16.27 -3.18 -26.90
CA ILE B 367 -15.43 -4.01 -26.05
C ILE B 367 -14.70 -4.99 -26.94
N ARG B 368 -15.39 -5.52 -27.94
CA ARG B 368 -14.79 -6.46 -28.88
C ARG B 368 -13.70 -5.77 -29.71
N ASP B 369 -13.99 -4.57 -30.16
CA ASP B 369 -13.06 -3.80 -30.97
C ASP B 369 -11.80 -3.40 -30.22
N GLU B 370 -11.98 -2.99 -28.97
CA GLU B 370 -10.86 -2.57 -28.11
C GLU B 370 -9.94 -3.75 -27.85
N VAL B 371 -10.53 -4.92 -27.64
CA VAL B 371 -9.76 -6.13 -27.39
C VAL B 371 -8.92 -6.50 -28.62
N VAL B 372 -9.50 -6.34 -29.80
CA VAL B 372 -8.79 -6.65 -31.03
C VAL B 372 -7.59 -5.73 -31.26
N LYS B 373 -7.74 -4.45 -30.95
CA LYS B 373 -6.67 -3.49 -31.15
C LYS B 373 -5.45 -3.78 -30.29
N MET B 374 -5.70 -4.16 -29.04
CA MET B 374 -4.63 -4.42 -28.10
C MET B 374 -3.75 -5.62 -28.47
N LEU B 375 -4.24 -6.48 -29.36
CA LEU B 375 -3.47 -7.66 -29.74
C LEU B 375 -3.30 -7.81 -31.24
N GLU B 376 -3.91 -6.92 -32.00
CA GLU B 376 -3.83 -6.98 -33.46
C GLU B 376 -2.40 -7.14 -33.95
N GLU B 377 -1.54 -6.21 -33.58
CA GLU B 377 -0.17 -6.26 -34.01
C GLU B 377 0.56 -7.46 -33.46
N PRO B 378 0.31 -7.82 -32.20
CA PRO B 378 1.01 -8.98 -31.66
C PRO B 378 0.64 -10.26 -32.36
N VAL B 379 -0.65 -10.40 -32.66
CA VAL B 379 -1.15 -11.59 -33.35
C VAL B 379 -0.67 -11.78 -34.79
N LYS B 380 -0.65 -10.69 -35.58
CA LYS B 380 -0.25 -10.84 -36.97
C LYS B 380 1.21 -11.26 -37.13
N HIS B 381 2.07 -10.64 -36.33
CA HIS B 381 3.49 -10.95 -36.37
C HIS B 381 3.87 -12.34 -35.90
N ASP B 382 3.21 -12.79 -34.84
CA ASP B 382 3.44 -14.10 -34.22
C ASP B 382 4.42 -13.95 -33.09
N ASP B 383 4.07 -13.04 -32.16
CA ASP B 383 4.89 -12.75 -30.99
C ASP B 383 5.24 -14.01 -30.20
N HIS B 384 6.46 -14.08 -29.73
CA HIS B 384 6.97 -15.23 -29.00
C HIS B 384 6.20 -15.42 -27.70
N LEU B 385 5.89 -14.31 -27.04
CA LEU B 385 5.22 -14.36 -25.75
C LEU B 385 3.85 -15.00 -25.95
N LEU B 386 3.17 -14.65 -27.03
CA LEU B 386 1.88 -15.28 -27.31
C LEU B 386 2.13 -16.77 -27.61
N ARG B 387 3.21 -17.06 -28.34
CA ARG B 387 3.56 -18.44 -28.68
C ARG B 387 3.95 -19.31 -27.49
N ASP B 388 4.72 -18.77 -26.56
CA ASP B 388 5.13 -19.54 -25.38
C ASP B 388 4.40 -19.08 -24.13
N SER B 389 3.16 -18.66 -24.30
CA SER B 389 2.35 -18.17 -23.20
C SER B 389 2.28 -19.12 -22.00
N GLU B 390 2.27 -20.42 -22.25
CA GLU B 390 2.20 -21.36 -21.14
C GLU B 390 3.43 -21.28 -20.23
N LEU B 391 4.60 -21.15 -20.85
CA LEU B 391 5.85 -21.07 -20.13
C LEU B 391 5.88 -19.81 -19.28
N ALA B 392 5.36 -18.73 -19.85
CA ALA B 392 5.34 -17.42 -19.19
C ALA B 392 4.48 -17.48 -17.92
N GLY B 393 3.36 -18.19 -18.01
CA GLY B 393 2.51 -18.30 -16.85
C GLY B 393 3.20 -19.01 -15.71
N LEU B 394 3.95 -20.05 -16.00
CA LEU B 394 4.62 -20.81 -14.94
C LEU B 394 5.65 -19.97 -14.21
N LEU B 395 6.42 -19.18 -14.95
CA LEU B 395 7.43 -18.34 -14.31
C LEU B 395 6.74 -17.27 -13.47
N SER B 396 5.67 -16.70 -14.02
CA SER B 396 4.86 -15.68 -13.36
C SER B 396 4.11 -16.20 -12.15
N MET B 397 3.59 -17.41 -12.28
CA MET B 397 2.82 -18.06 -11.21
C MET B 397 3.17 -17.60 -9.81
N SER B 398 2.15 -17.37 -8.99
CA SER B 398 2.36 -16.92 -7.62
C SER B 398 2.48 -18.10 -6.68
N SER B 399 2.16 -17.85 -5.41
CA SER B 399 2.21 -18.86 -4.36
C SER B 399 0.95 -18.80 -3.50
N ALA B 400 -0.10 -18.20 -4.06
CA ALA B 400 -1.39 -18.06 -3.39
C ALA B 400 -2.17 -19.37 -3.37
N SER B 401 -3.48 -19.26 -3.19
CA SER B 401 -4.32 -20.43 -3.13
C SER B 401 -4.87 -20.89 -4.47
N ASN B 402 -5.17 -22.17 -4.57
CA ASN B 402 -5.70 -22.74 -5.81
C ASN B 402 -7.17 -23.11 -5.57
N GLY B 403 -7.56 -23.13 -4.30
CA GLY B 403 -8.92 -23.44 -3.96
C GLY B 403 -9.15 -24.56 -2.96
N GLU B 404 -8.52 -25.71 -3.18
CA GLU B 404 -8.71 -26.85 -2.30
C GLU B 404 -7.45 -27.28 -1.54
N SER B 405 -7.64 -27.73 -0.32
CA SER B 405 -6.53 -28.19 0.50
C SER B 405 -6.19 -29.61 0.05
N ARG B 406 -5.01 -29.80 -0.52
CA ARG B 406 -4.59 -31.11 -1.00
C ARG B 406 -3.52 -31.77 -0.15
N GLN B 407 -3.48 -33.10 -0.19
CA GLN B 407 -2.49 -33.88 0.53
C GLN B 407 -1.35 -33.99 -0.47
N LEU B 408 -0.14 -33.60 -0.07
CA LEU B 408 0.98 -33.67 -0.98
C LEU B 408 2.22 -34.34 -0.41
N LYS B 409 2.90 -35.12 -1.24
CA LYS B 409 4.11 -35.85 -0.85
C LYS B 409 5.34 -35.25 -1.52
N PHE B 410 6.29 -34.84 -0.70
CA PHE B 410 7.53 -34.25 -1.19
C PHE B 410 8.71 -35.06 -0.72
N GLY B 411 9.27 -35.87 -1.62
CA GLY B 411 10.41 -36.69 -1.29
C GLY B 411 10.04 -37.84 -0.35
N ARG B 412 9.80 -37.51 0.91
CA ARG B 412 9.45 -38.53 1.90
C ARG B 412 8.55 -37.95 2.97
N LYS B 413 8.15 -36.70 2.79
CA LYS B 413 7.27 -36.03 3.75
C LYS B 413 5.86 -35.84 3.23
N THR B 414 4.89 -36.32 4.01
CA THR B 414 3.49 -36.23 3.66
C THR B 414 2.83 -35.06 4.42
N ILE B 415 2.57 -33.98 3.69
CA ILE B 415 1.96 -32.81 4.29
C ILE B 415 0.84 -32.26 3.39
N PHE B 416 0.03 -31.36 3.92
CA PHE B 416 -1.05 -30.79 3.12
C PHE B 416 -0.88 -29.28 2.89
N SER B 417 -1.21 -28.85 1.68
CA SER B 417 -1.09 -27.43 1.32
C SER B 417 -2.22 -27.04 0.38
N THR B 418 -2.44 -25.74 0.27
CA THR B 418 -3.48 -25.20 -0.61
C THR B 418 -2.79 -24.37 -1.69
N LYS B 419 -1.55 -24.02 -1.41
CA LYS B 419 -0.73 -23.21 -2.28
C LYS B 419 -0.76 -23.64 -3.74
N LYS B 420 -0.83 -22.65 -4.62
CA LYS B 420 -0.87 -22.86 -6.06
C LYS B 420 0.43 -23.45 -6.60
N ASN B 421 1.56 -22.97 -6.10
CA ASN B 421 2.87 -23.44 -6.55
C ASN B 421 3.09 -24.91 -6.23
N MET B 422 2.70 -25.30 -5.03
CA MET B 422 2.84 -26.68 -4.57
C MET B 422 1.98 -27.62 -5.42
N HIS B 423 0.78 -27.20 -5.76
CA HIS B 423 -0.11 -28.01 -6.56
C HIS B 423 0.42 -28.28 -7.97
N VAL B 424 1.02 -27.28 -8.59
CA VAL B 424 1.55 -27.47 -9.93
C VAL B 424 2.71 -28.46 -9.94
N MET B 425 3.60 -28.38 -8.97
CA MET B 425 4.74 -29.28 -8.91
C MET B 425 4.32 -30.72 -8.67
N ASP B 426 3.37 -30.90 -7.76
CA ASP B 426 2.89 -32.24 -7.43
C ASP B 426 2.21 -32.87 -8.64
N ASP B 427 1.40 -32.06 -9.33
CA ASP B 427 0.65 -32.50 -10.49
C ASP B 427 1.53 -32.91 -11.67
N MET B 428 2.60 -32.17 -11.91
CA MET B 428 3.51 -32.50 -13.00
C MET B 428 4.19 -33.85 -12.75
N ALA B 429 4.56 -34.10 -11.51
CA ALA B 429 5.23 -35.34 -11.15
C ALA B 429 4.28 -36.53 -11.11
N ASN B 430 3.10 -36.35 -11.67
CA ASN B 430 2.10 -37.41 -11.69
C ASN B 430 1.35 -37.44 -13.01
N GLU B 431 1.93 -36.80 -14.02
CA GLU B 431 1.32 -36.75 -15.35
C GLU B 431 -0.06 -36.09 -15.29
N ARG B 432 -0.36 -35.45 -14.17
CA ARG B 432 -1.65 -34.78 -13.99
C ARG B 432 -1.67 -33.35 -14.51
N TYR B 433 -0.50 -32.76 -14.69
CA TYR B 433 -0.39 -31.40 -15.19
C TYR B 433 -1.01 -31.30 -16.57
N THR B 434 -2.16 -30.63 -16.66
CA THR B 434 -2.85 -30.49 -17.93
C THR B 434 -3.54 -29.14 -18.14
N PRO B 435 -2.77 -28.14 -18.62
CA PRO B 435 -3.27 -26.79 -18.86
C PRO B 435 -4.10 -26.69 -20.13
N GLY B 436 -4.09 -27.77 -20.91
CA GLY B 436 -4.86 -27.77 -22.13
C GLY B 436 -6.34 -27.93 -21.81
N ILE B 437 -6.59 -28.45 -20.62
CA ILE B 437 -7.94 -28.67 -20.15
C ILE B 437 -8.24 -27.65 -19.05
N ILE B 438 -9.01 -26.61 -19.39
CA ILE B 438 -9.38 -25.58 -18.44
C ILE B 438 -10.62 -26.04 -17.66
N PRO B 439 -10.43 -26.45 -16.41
CA PRO B 439 -11.46 -26.93 -15.50
C PRO B 439 -12.72 -26.08 -15.49
N PRO B 440 -13.87 -26.72 -15.19
CA PRO B 440 -15.15 -26.02 -15.15
C PRO B 440 -15.31 -25.23 -13.85
N VAL B 441 -16.29 -24.32 -13.83
CA VAL B 441 -16.54 -23.51 -12.64
C VAL B 441 -18.03 -23.48 -12.41
N ASN B 442 -18.72 -24.45 -13.01
CA ASN B 442 -20.17 -24.57 -12.88
C ASN B 442 -20.60 -25.47 -11.71
N VAL B 443 -21.81 -26.01 -11.82
CA VAL B 443 -22.39 -26.84 -10.79
C VAL B 443 -21.57 -28.10 -10.44
N ASP B 444 -20.70 -28.53 -11.35
CA ASP B 444 -19.88 -29.72 -11.10
C ASP B 444 -18.66 -29.40 -10.27
N LYS B 445 -18.07 -28.25 -10.52
CA LYS B 445 -16.88 -27.82 -9.79
C LYS B 445 -17.02 -26.33 -9.41
N PRO B 446 -17.84 -26.02 -8.40
CA PRO B 446 -18.08 -24.65 -7.94
C PRO B 446 -16.79 -23.94 -7.56
N ILE B 447 -16.82 -22.61 -7.60
CA ILE B 447 -15.65 -21.79 -7.29
C ILE B 447 -15.56 -21.38 -5.82
N PRO B 448 -14.42 -21.66 -5.17
CA PRO B 448 -14.21 -21.31 -3.76
C PRO B 448 -14.20 -19.79 -3.70
N LEU B 449 -14.76 -19.20 -2.64
CA LEU B 449 -14.83 -17.75 -2.57
C LEU B 449 -13.83 -17.02 -1.70
N GLY B 450 -13.45 -15.84 -2.16
CA GLY B 450 -12.53 -14.99 -1.42
C GLY B 450 -13.27 -13.68 -1.16
N ARG B 451 -12.86 -12.91 -0.14
CA ARG B 451 -13.55 -11.66 0.16
C ARG B 451 -12.62 -10.49 0.37
N ARG B 452 -13.13 -9.31 0.04
CA ARG B 452 -12.40 -8.06 0.18
C ARG B 452 -13.28 -7.09 0.93
N ASP B 453 -12.81 -6.59 2.08
CA ASP B 453 -13.59 -5.65 2.89
C ASP B 453 -13.01 -4.23 2.88
N VAL B 454 -13.89 -3.24 2.87
CA VAL B 454 -13.47 -1.84 2.86
C VAL B 454 -14.49 -1.01 3.65
N PRO B 455 -14.05 0.08 4.30
CA PRO B 455 -14.95 0.93 5.07
C PRO B 455 -15.92 1.69 4.18
N GLY B 456 -17.17 1.75 4.60
CA GLY B 456 -18.16 2.48 3.86
C GLY B 456 -18.92 1.72 2.80
N ARG B 457 -18.18 1.12 1.85
CA ARG B 457 -18.81 0.38 0.77
C ARG B 457 -19.16 -1.04 1.18
N ARG B 458 -19.89 -1.74 0.31
CA ARG B 458 -20.32 -3.12 0.56
C ARG B 458 -19.23 -4.14 0.25
N THR B 459 -19.27 -5.28 0.93
CA THR B 459 -18.29 -6.33 0.72
C THR B 459 -18.50 -7.01 -0.61
N ARG B 460 -17.42 -7.25 -1.32
CA ARG B 460 -17.47 -7.90 -2.63
C ARG B 460 -16.78 -9.25 -2.57
N ILE B 461 -17.30 -10.22 -3.32
CA ILE B 461 -16.70 -11.56 -3.32
C ILE B 461 -15.60 -11.70 -4.36
N ILE B 462 -14.76 -12.72 -4.21
CA ILE B 462 -13.65 -12.97 -5.11
C ILE B 462 -13.50 -14.43 -5.49
N PHE B 463 -13.36 -14.71 -6.79
CA PHE B 463 -13.18 -16.07 -7.27
C PHE B 463 -11.73 -16.52 -7.03
N ILE B 464 -11.56 -17.77 -6.60
CA ILE B 464 -10.24 -18.33 -6.42
C ILE B 464 -10.20 -19.56 -7.34
N LEU B 465 -10.03 -19.29 -8.63
CA LEU B 465 -10.02 -20.30 -9.69
C LEU B 465 -8.72 -21.08 -9.80
N PRO B 466 -8.79 -22.30 -10.37
CA PRO B 466 -7.63 -23.17 -10.55
C PRO B 466 -6.55 -22.49 -11.40
N TYR B 467 -5.30 -22.81 -11.12
CA TYR B 467 -4.16 -22.22 -11.84
C TYR B 467 -4.23 -22.33 -13.36
N GLU B 468 -5.15 -23.12 -13.87
CA GLU B 468 -5.28 -23.27 -15.32
C GLU B 468 -5.68 -21.91 -15.84
N TYR B 469 -6.55 -21.25 -15.10
CA TYR B 469 -7.03 -19.93 -15.45
C TYR B 469 -5.93 -18.82 -15.46
N PHE B 470 -5.04 -18.83 -14.48
CA PHE B 470 -4.01 -17.82 -14.44
C PHE B 470 -3.06 -17.96 -15.62
N ILE B 471 -2.71 -19.21 -15.93
CA ILE B 471 -1.80 -19.50 -17.03
C ILE B 471 -2.39 -19.18 -18.41
N ALA B 472 -3.66 -19.53 -18.59
CA ALA B 472 -4.32 -19.29 -19.85
C ALA B 472 -4.63 -17.82 -20.13
N GLN B 473 -4.38 -16.97 -19.15
CA GLN B 473 -4.69 -15.56 -19.33
C GLN B 473 -3.54 -14.63 -19.09
N HIS B 474 -2.43 -15.14 -18.54
CA HIS B 474 -1.30 -14.26 -18.24
C HIS B 474 -0.59 -13.57 -19.40
N ALA B 475 -0.37 -14.28 -20.49
CA ALA B 475 0.29 -13.66 -21.64
C ALA B 475 -0.53 -12.57 -22.34
N VAL B 476 -1.82 -12.82 -22.52
CA VAL B 476 -2.70 -11.86 -23.20
C VAL B 476 -2.90 -10.54 -22.45
N VAL B 477 -3.08 -10.64 -21.13
CA VAL B 477 -3.33 -9.50 -20.25
C VAL B 477 -2.09 -8.61 -20.28
N GLU B 478 -0.92 -9.23 -20.30
CA GLU B 478 0.34 -8.50 -20.35
C GLU B 478 0.42 -7.72 -21.64
N LYS B 479 -0.04 -8.32 -22.73
CA LYS B 479 -0.03 -7.61 -24.02
C LYS B 479 -0.97 -6.41 -24.00
N MET B 480 -2.13 -6.57 -23.38
CA MET B 480 -3.13 -5.51 -23.29
C MET B 480 -2.62 -4.36 -22.47
N LEU B 481 -1.92 -4.67 -21.38
CA LEU B 481 -1.38 -3.65 -20.48
C LEU B 481 -0.36 -2.78 -21.22
N ILE B 482 0.45 -3.39 -22.06
CA ILE B 482 1.45 -2.65 -22.80
C ILE B 482 0.73 -1.68 -23.71
N TYR B 483 -0.38 -2.09 -24.31
CA TYR B 483 -1.13 -1.21 -25.21
C TYR B 483 -1.69 -0.06 -24.37
N ALA B 484 -2.19 -0.40 -23.20
CA ALA B 484 -2.75 0.59 -22.28
C ALA B 484 -1.65 1.56 -21.85
N LYS B 485 -0.48 1.02 -21.61
CA LYS B 485 0.67 1.80 -21.17
C LYS B 485 0.87 3.05 -22.00
N HIS B 486 0.47 3.00 -23.27
CA HIS B 486 0.65 4.16 -24.16
C HIS B 486 -0.65 4.78 -24.67
N THR B 487 -1.76 4.45 -24.02
CA THR B 487 -3.06 5.02 -24.37
C THR B 487 -3.54 5.83 -23.16
N ARG B 488 -3.68 7.14 -23.31
CA ARG B 488 -4.06 8.01 -22.22
C ARG B 488 -5.45 7.83 -21.63
N GLU B 489 -6.36 7.22 -22.37
CA GLU B 489 -7.72 6.99 -21.85
C GLU B 489 -7.63 6.19 -20.57
N TYR B 490 -6.66 5.28 -20.53
CA TYR B 490 -6.43 4.45 -19.35
C TYR B 490 -5.49 5.17 -18.39
N ALA B 491 -6.05 6.00 -17.52
CA ALA B 491 -5.29 6.78 -16.55
C ALA B 491 -4.39 5.96 -15.63
N GLU B 492 -4.90 4.83 -15.17
CA GLU B 492 -4.16 3.98 -14.26
C GLU B 492 -2.95 3.28 -14.85
N PHE B 493 -2.88 3.19 -16.18
CA PHE B 493 -1.77 2.50 -16.84
C PHE B 493 -0.86 3.35 -17.73
N TYR B 494 -1.30 4.54 -18.12
CA TYR B 494 -0.49 5.39 -19.00
C TYR B 494 0.89 5.80 -18.51
N SER B 495 1.88 5.48 -19.34
CA SER B 495 3.28 5.81 -19.06
C SER B 495 3.67 5.61 -17.60
N GLN B 496 4.59 6.44 -17.13
CA GLN B 496 5.07 6.38 -15.75
C GLN B 496 4.37 7.48 -14.97
N SER B 497 3.18 7.85 -15.41
CA SER B 497 2.39 8.90 -14.79
C SER B 497 1.89 8.58 -13.39
N ASN B 498 1.72 9.63 -12.59
CA ASN B 498 1.20 9.50 -11.24
C ASN B 498 -0.16 10.19 -11.26
N GLN B 499 -0.78 10.32 -10.09
CA GLN B 499 -2.10 10.94 -10.03
C GLN B 499 -2.13 12.43 -10.33
N LEU B 500 -0.99 13.09 -10.21
CA LEU B 500 -0.91 14.51 -10.48
C LEU B 500 -1.17 14.85 -11.92
N LEU B 501 -0.67 14.05 -12.83
CA LEU B 501 -0.89 14.30 -14.26
C LEU B 501 -2.38 14.20 -14.60
N SER B 502 -3.05 13.21 -14.01
CA SER B 502 -4.47 13.00 -14.24
C SER B 502 -5.22 14.21 -13.73
N TYR B 503 -4.77 14.73 -12.59
CA TYR B 503 -5.37 15.89 -11.94
C TYR B 503 -5.21 17.08 -12.87
N GLY B 504 -4.04 17.13 -13.47
CA GLY B 504 -3.72 18.19 -14.40
C GLY B 504 -4.56 18.17 -15.66
N ASP B 505 -4.85 16.99 -16.20
CA ASP B 505 -5.61 16.87 -17.43
C ASP B 505 -7.04 17.39 -17.34
N VAL B 506 -7.71 17.14 -16.22
CA VAL B 506 -9.09 17.60 -16.07
C VAL B 506 -9.18 19.12 -16.04
N THR B 507 -8.25 19.76 -15.33
CA THR B 507 -8.24 21.22 -15.22
C THR B 507 -7.96 21.89 -16.54
N ARG B 508 -7.04 21.33 -17.30
CA ARG B 508 -6.64 21.89 -18.59
C ARG B 508 -7.74 22.55 -19.43
N PHE B 509 -8.65 21.75 -19.95
CA PHE B 509 -9.69 22.26 -20.80
C PHE B 509 -10.87 22.90 -20.10
N LEU B 510 -10.78 23.11 -18.79
CA LEU B 510 -11.89 23.73 -18.07
C LEU B 510 -12.04 25.22 -18.37
N SER B 511 -13.23 25.59 -18.80
CA SER B 511 -13.57 26.98 -19.12
C SER B 511 -15.09 27.19 -18.98
N ASN B 512 -15.57 28.33 -19.44
CA ASN B 512 -16.98 28.67 -19.34
C ASN B 512 -17.88 28.02 -20.38
N ASN B 513 -17.32 27.26 -21.31
CA ASN B 513 -18.13 26.62 -22.33
C ASN B 513 -17.86 25.13 -22.38
N THR B 514 -17.45 24.59 -21.24
CA THR B 514 -17.16 23.16 -21.12
C THR B 514 -17.57 22.66 -19.72
N MET B 515 -18.13 21.45 -19.68
CA MET B 515 -18.53 20.84 -18.43
C MET B 515 -17.95 19.42 -18.31
N VAL B 516 -17.55 19.03 -17.10
CA VAL B 516 -16.99 17.72 -16.86
C VAL B 516 -18.09 16.73 -16.48
N LEU B 517 -17.85 15.45 -16.73
CA LEU B 517 -18.84 14.42 -16.44
C LEU B 517 -18.19 13.23 -15.72
N TYR B 518 -18.34 13.17 -14.41
CA TYR B 518 -17.75 12.06 -13.66
C TYR B 518 -18.81 11.03 -13.32
N THR B 519 -18.41 9.76 -13.23
CA THR B 519 -19.35 8.68 -12.95
C THR B 519 -18.70 7.50 -12.23
N ASP B 520 -19.37 7.03 -11.19
CA ASP B 520 -18.90 5.87 -10.43
C ASP B 520 -19.73 4.66 -10.86
N VAL B 521 -19.11 3.72 -11.55
CA VAL B 521 -19.81 2.53 -12.03
C VAL B 521 -19.44 1.26 -11.28
N SER B 522 -19.23 1.37 -9.98
CA SER B 522 -18.86 0.21 -9.17
C SER B 522 -19.98 -0.84 -9.17
N GLN B 523 -21.21 -0.38 -9.08
CA GLN B 523 -22.38 -1.25 -9.07
C GLN B 523 -22.57 -2.00 -10.38
N TRP B 524 -22.35 -1.32 -11.49
CA TRP B 524 -22.51 -1.94 -12.80
C TRP B 524 -21.53 -3.09 -13.04
N ASP B 525 -20.28 -2.94 -12.61
CA ASP B 525 -19.29 -3.98 -12.80
C ASP B 525 -19.73 -5.33 -12.25
N SER B 526 -20.43 -5.33 -11.12
CA SER B 526 -20.88 -6.58 -10.50
C SER B 526 -22.19 -7.10 -11.07
N SER B 527 -23.02 -6.19 -11.59
CA SER B 527 -24.33 -6.52 -12.17
C SER B 527 -24.36 -7.81 -12.99
N GLN B 528 -25.56 -8.40 -13.07
CA GLN B 528 -25.78 -9.62 -13.82
C GLN B 528 -26.05 -9.27 -15.27
N HIS B 529 -26.55 -8.05 -15.48
CA HIS B 529 -26.84 -7.56 -16.81
C HIS B 529 -25.53 -7.46 -17.56
N ASN B 530 -24.51 -7.02 -16.84
CA ASN B 530 -23.17 -6.81 -17.35
C ASN B 530 -22.38 -8.00 -17.86
N THR B 531 -22.50 -9.14 -17.20
CA THR B 531 -21.67 -10.31 -17.55
C THR B 531 -21.90 -10.87 -18.96
N GLN B 532 -23.14 -10.91 -19.40
CA GLN B 532 -23.37 -11.41 -20.74
C GLN B 532 -22.62 -10.59 -21.80
N PRO B 533 -22.95 -9.30 -21.94
CA PRO B 533 -22.29 -8.43 -22.92
C PRO B 533 -20.78 -8.42 -22.79
N PHE B 534 -20.30 -8.53 -21.55
CA PHE B 534 -18.88 -8.49 -21.27
C PHE B 534 -18.14 -9.71 -21.80
N ARG B 535 -18.62 -10.89 -21.43
CA ARG B 535 -17.96 -12.11 -21.86
C ARG B 535 -18.05 -12.28 -23.38
N LYS B 536 -19.20 -11.96 -23.94
CA LYS B 536 -19.39 -12.08 -25.38
C LYS B 536 -18.45 -11.16 -26.13
N GLY B 537 -18.28 -9.94 -25.61
CA GLY B 537 -17.40 -8.99 -26.28
C GLY B 537 -15.97 -9.44 -26.31
N ILE B 538 -15.47 -10.00 -25.20
CA ILE B 538 -14.09 -10.47 -25.18
C ILE B 538 -13.95 -11.65 -26.15
N ILE B 539 -14.92 -12.55 -26.12
CA ILE B 539 -14.93 -13.75 -26.96
C ILE B 539 -15.00 -13.42 -28.44
N MET B 540 -15.83 -12.45 -28.79
CA MET B 540 -16.00 -12.08 -30.17
C MET B 540 -14.67 -11.57 -30.68
N GLY B 541 -14.00 -10.80 -29.82
CA GLY B 541 -12.71 -10.24 -30.16
C GLY B 541 -11.67 -11.34 -30.36
N LEU B 542 -11.75 -12.35 -29.52
CA LEU B 542 -10.81 -13.47 -29.58
C LEU B 542 -10.97 -14.20 -30.90
N ASP B 543 -12.20 -14.37 -31.37
CA ASP B 543 -12.45 -15.05 -32.64
C ASP B 543 -11.84 -14.28 -33.83
N ILE B 544 -11.98 -12.95 -33.82
CA ILE B 544 -11.43 -12.11 -34.88
C ILE B 544 -9.91 -12.20 -34.92
N LEU B 545 -9.29 -12.18 -33.75
CA LEU B 545 -7.84 -12.26 -33.65
C LEU B 545 -7.35 -13.60 -34.18
N ALA B 546 -8.08 -14.67 -33.87
CA ALA B 546 -7.72 -16.01 -34.29
C ALA B 546 -7.76 -16.08 -35.82
N ASN B 547 -8.73 -15.44 -36.45
CA ASN B 547 -8.83 -15.42 -37.90
C ASN B 547 -7.77 -14.53 -38.53
N MET B 548 -6.65 -14.33 -37.83
CA MET B 548 -5.59 -13.47 -38.35
C MET B 548 -4.23 -14.13 -38.46
N THR B 549 -4.05 -15.27 -37.79
CA THR B 549 -2.77 -15.97 -37.87
C THR B 549 -2.97 -17.44 -38.23
N ASN B 550 -1.89 -18.20 -38.28
CA ASN B 550 -1.95 -19.61 -38.62
C ASN B 550 -1.06 -20.39 -37.67
N ASP B 551 -0.32 -19.65 -36.85
CA ASP B 551 0.61 -20.24 -35.88
C ASP B 551 -0.16 -21.14 -34.91
N ALA B 552 0.26 -22.39 -34.81
CA ALA B 552 -0.38 -23.35 -33.93
C ALA B 552 -0.25 -22.97 -32.47
N LYS B 553 0.92 -22.48 -32.08
CA LYS B 553 1.16 -22.10 -30.69
C LYS B 553 0.27 -20.92 -30.28
N VAL B 554 0.15 -19.94 -31.17
CA VAL B 554 -0.66 -18.77 -30.90
C VAL B 554 -2.15 -19.08 -30.80
N LEU B 555 -2.64 -19.97 -31.66
CA LEU B 555 -4.06 -20.30 -31.63
C LEU B 555 -4.46 -21.03 -30.36
N GLN B 556 -3.62 -21.95 -29.92
CA GLN B 556 -3.97 -22.71 -28.73
C GLN B 556 -4.02 -21.81 -27.51
N THR B 557 -3.04 -20.91 -27.41
CA THR B 557 -3.00 -19.98 -26.29
C THR B 557 -4.19 -19.03 -26.37
N LEU B 558 -4.47 -18.57 -27.58
CA LEU B 558 -5.57 -17.68 -27.84
C LEU B 558 -6.90 -18.39 -27.59
N ASN B 559 -6.97 -19.65 -28.02
CA ASN B 559 -8.15 -20.50 -27.87
C ASN B 559 -8.47 -20.82 -26.42
N LEU B 560 -7.42 -21.07 -25.65
CA LEU B 560 -7.55 -21.37 -24.24
C LEU B 560 -8.16 -20.17 -23.49
N TYR B 561 -7.76 -18.97 -23.89
CA TYR B 561 -8.25 -17.75 -23.27
C TYR B 561 -9.76 -17.70 -23.53
N LYS B 562 -10.17 -18.09 -24.72
CA LYS B 562 -11.58 -18.07 -25.10
C LYS B 562 -12.36 -19.02 -24.22
N GLN B 563 -11.76 -20.16 -23.93
CA GLN B 563 -12.42 -21.20 -23.14
C GLN B 563 -12.72 -20.72 -21.71
N THR B 564 -11.81 -19.97 -21.12
CA THR B 564 -11.98 -19.48 -19.75
C THR B 564 -13.17 -18.57 -19.71
N GLN B 565 -13.35 -17.73 -20.73
CA GLN B 565 -14.50 -16.82 -20.75
C GLN B 565 -15.81 -17.57 -20.81
N ILE B 566 -15.85 -18.63 -21.60
CA ILE B 566 -17.07 -19.45 -21.74
C ILE B 566 -17.48 -20.17 -20.45
N ASN B 567 -16.51 -20.73 -19.74
CA ASN B 567 -16.76 -21.44 -18.50
C ASN B 567 -17.33 -20.50 -17.48
N LEU B 568 -16.81 -19.27 -17.45
CA LEU B 568 -17.27 -18.25 -16.50
C LEU B 568 -18.70 -17.82 -16.74
N MET B 569 -19.07 -17.69 -18.01
CA MET B 569 -20.43 -17.33 -18.41
C MET B 569 -21.48 -17.98 -17.51
N ASP B 570 -21.28 -19.26 -17.20
CA ASP B 570 -22.19 -20.02 -16.34
C ASP B 570 -21.40 -20.56 -15.15
N SER B 571 -21.29 -19.77 -14.10
CA SER B 571 -20.53 -20.15 -12.92
C SER B 571 -21.38 -20.42 -11.69
N TYR B 572 -20.79 -21.16 -10.75
CA TYR B 572 -21.45 -21.51 -9.49
C TYR B 572 -20.46 -21.25 -8.35
N VAL B 573 -20.98 -20.77 -7.23
CA VAL B 573 -20.13 -20.46 -6.09
C VAL B 573 -20.43 -21.21 -4.79
N GLN B 574 -19.36 -21.42 -4.00
CA GLN B 574 -19.45 -22.10 -2.71
C GLN B 574 -19.48 -21.05 -1.60
N ILE B 575 -20.67 -20.68 -1.17
CA ILE B 575 -20.81 -19.69 -0.12
C ILE B 575 -21.14 -20.35 1.21
N PRO B 576 -20.26 -20.22 2.21
CA PRO B 576 -20.53 -20.84 3.52
C PRO B 576 -21.73 -20.18 4.20
N ASP B 577 -22.60 -21.00 4.79
CA ASP B 577 -23.80 -20.51 5.48
C ASP B 577 -23.80 -21.09 6.89
N GLY B 578 -22.83 -20.65 7.68
CA GLY B 578 -22.69 -21.12 9.05
C GLY B 578 -21.41 -21.92 9.14
N ASN B 579 -21.54 -23.24 8.95
CA ASN B 579 -20.40 -24.14 8.97
C ASN B 579 -20.58 -25.08 7.79
N VAL B 580 -21.64 -24.83 7.03
CA VAL B 580 -22.00 -25.61 5.86
C VAL B 580 -21.60 -24.80 4.62
N ILE B 581 -21.58 -25.44 3.46
CA ILE B 581 -21.21 -24.75 2.24
C ILE B 581 -22.27 -24.89 1.14
N LYS B 582 -23.17 -23.92 1.07
CA LYS B 582 -24.24 -23.95 0.06
C LYS B 582 -23.74 -23.59 -1.33
N LYS B 583 -24.00 -24.46 -2.30
CA LYS B 583 -23.57 -24.24 -3.66
C LYS B 583 -24.66 -23.51 -4.38
N ILE B 584 -24.45 -22.24 -4.69
CA ILE B 584 -25.48 -21.46 -5.41
C ILE B 584 -24.99 -21.01 -6.78
N GLN B 585 -25.93 -20.60 -7.64
CA GLN B 585 -25.60 -20.17 -9.00
C GLN B 585 -25.25 -18.69 -9.06
N TYR B 586 -23.97 -18.38 -9.28
CA TYR B 586 -23.53 -16.98 -9.35
C TYR B 586 -23.50 -16.55 -10.80
N GLY B 587 -24.51 -15.78 -11.22
CA GLY B 587 -24.56 -15.32 -12.59
C GLY B 587 -24.05 -13.90 -12.80
N ALA B 588 -22.97 -13.54 -12.11
CA ALA B 588 -22.43 -12.21 -12.24
C ALA B 588 -20.90 -12.23 -12.29
N VAL B 589 -20.31 -11.14 -12.76
CA VAL B 589 -18.85 -11.04 -12.86
C VAL B 589 -18.24 -10.61 -11.55
N ALA B 590 -17.34 -11.44 -11.04
CA ALA B 590 -16.64 -11.17 -9.79
C ALA B 590 -15.17 -11.11 -10.12
N SER B 591 -14.38 -10.50 -9.25
CA SER B 591 -12.96 -10.39 -9.55
C SER B 591 -12.19 -11.61 -9.06
N GLY B 592 -11.03 -11.86 -9.68
CA GLY B 592 -10.23 -12.99 -9.28
C GLY B 592 -9.38 -13.42 -10.45
N GLU B 593 -9.87 -13.10 -11.65
CA GLU B 593 -9.17 -13.44 -12.87
C GLU B 593 -7.88 -12.62 -13.02
N LYS B 594 -7.15 -12.89 -14.10
CA LYS B 594 -5.92 -12.18 -14.38
C LYS B 594 -6.32 -10.92 -15.10
N GLN B 595 -7.27 -11.05 -16.02
CA GLN B 595 -7.75 -9.92 -16.81
C GLN B 595 -8.68 -9.00 -16.05
N THR B 596 -8.87 -9.24 -14.75
CA THR B 596 -9.77 -8.42 -13.94
C THR B 596 -9.65 -6.91 -14.23
N LYS B 597 -8.50 -6.32 -13.89
CA LYS B 597 -8.31 -4.90 -14.09
C LYS B 597 -8.29 -4.44 -15.53
N ALA B 598 -7.62 -5.19 -16.39
CA ALA B 598 -7.57 -4.76 -17.78
C ALA B 598 -8.95 -4.83 -18.44
N ALA B 599 -9.69 -5.91 -18.18
CA ALA B 599 -11.03 -6.11 -18.75
C ALA B 599 -12.02 -5.08 -18.23
N ASN B 600 -11.90 -4.80 -16.94
CA ASN B 600 -12.79 -3.85 -16.31
C ASN B 600 -12.55 -2.47 -16.91
N SER B 601 -11.28 -2.14 -17.14
CA SER B 601 -10.94 -0.86 -17.71
C SER B 601 -11.51 -0.79 -19.12
N ILE B 602 -11.43 -1.89 -19.85
CA ILE B 602 -11.99 -1.91 -21.21
C ILE B 602 -13.53 -1.73 -21.16
N ALA B 603 -14.16 -2.40 -20.21
CA ALA B 603 -15.60 -2.34 -20.07
C ALA B 603 -16.09 -0.95 -19.68
N ASN B 604 -15.41 -0.28 -18.75
CA ASN B 604 -15.86 1.04 -18.35
C ASN B 604 -15.71 2.03 -19.49
N LEU B 605 -14.59 1.91 -20.22
CA LEU B 605 -14.32 2.82 -21.32
C LEU B 605 -15.34 2.63 -22.42
N ALA B 606 -15.68 1.38 -22.69
CA ALA B 606 -16.65 1.08 -23.72
C ALA B 606 -17.98 1.67 -23.27
N LEU B 607 -18.25 1.52 -21.97
CA LEU B 607 -19.49 2.03 -21.40
C LEU B 607 -19.59 3.56 -21.42
N ILE B 608 -18.51 4.25 -21.10
CA ILE B 608 -18.56 5.69 -21.10
C ILE B 608 -18.78 6.18 -22.51
N LYS B 609 -18.13 5.52 -23.46
CA LYS B 609 -18.25 5.89 -24.85
C LYS B 609 -19.68 5.67 -25.30
N THR B 610 -20.29 4.58 -24.85
CA THR B 610 -21.67 4.29 -25.23
C THR B 610 -22.67 5.33 -24.75
N VAL B 611 -22.51 5.79 -23.51
CA VAL B 611 -23.41 6.82 -22.99
C VAL B 611 -23.23 8.16 -23.73
N LEU B 612 -21.98 8.52 -23.99
CA LEU B 612 -21.66 9.77 -24.65
C LEU B 612 -22.19 9.85 -26.07
N SER B 613 -22.11 8.74 -26.80
CA SER B 613 -22.61 8.71 -28.17
C SER B 613 -24.15 8.87 -28.25
N ARG B 614 -24.86 8.22 -27.33
CA ARG B 614 -26.32 8.28 -27.33
C ARG B 614 -26.83 9.68 -27.00
N ILE B 615 -26.18 10.34 -26.08
CA ILE B 615 -26.52 11.69 -25.65
C ILE B 615 -26.40 12.74 -26.74
N SER B 616 -25.38 12.60 -27.57
CA SER B 616 -25.11 13.61 -28.60
C SER B 616 -26.24 13.70 -29.61
N ASN B 617 -26.82 12.59 -30.02
CA ASN B 617 -27.95 12.70 -30.95
C ASN B 617 -28.82 13.91 -30.56
N LYS B 618 -28.88 14.18 -29.26
CA LYS B 618 -29.65 15.29 -28.73
C LYS B 618 -28.81 16.56 -28.61
N HIS B 619 -27.64 16.45 -27.98
CA HIS B 619 -26.77 17.62 -27.80
C HIS B 619 -25.54 17.57 -28.69
N SER B 620 -25.03 18.73 -29.09
CA SER B 620 -23.84 18.78 -29.93
C SER B 620 -22.70 19.40 -29.13
N PHE B 621 -21.70 18.57 -28.79
CA PHE B 621 -20.56 19.04 -28.00
C PHE B 621 -19.27 18.54 -28.60
N ALA B 622 -18.17 18.75 -27.88
CA ALA B 622 -16.84 18.31 -28.32
C ALA B 622 -16.21 17.53 -27.18
N THR B 623 -15.53 16.45 -27.53
CA THR B 623 -14.87 15.61 -26.52
C THR B 623 -13.40 15.98 -26.30
N LYS B 624 -13.14 16.80 -25.30
CA LYS B 624 -11.79 17.21 -25.02
C LYS B 624 -10.99 16.06 -24.47
N ILE B 625 -11.55 15.35 -23.49
CA ILE B 625 -10.87 14.18 -22.92
C ILE B 625 -11.84 13.13 -22.41
N ILE B 626 -11.44 11.86 -22.49
CA ILE B 626 -12.24 10.74 -22.00
C ILE B 626 -11.28 9.91 -21.17
N ARG B 627 -11.75 9.36 -20.06
CA ARG B 627 -10.87 8.57 -19.21
C ARG B 627 -11.61 7.51 -18.38
N VAL B 628 -10.86 6.47 -18.02
CA VAL B 628 -11.38 5.38 -17.21
C VAL B 628 -10.27 5.09 -16.21
N ASP B 629 -10.56 5.27 -14.93
CA ASP B 629 -9.56 5.02 -13.90
C ASP B 629 -10.14 4.23 -12.72
N GLY B 630 -10.01 2.92 -12.77
CA GLY B 630 -10.52 2.12 -11.67
C GLY B 630 -12.00 1.93 -11.84
N ASP B 631 -12.74 2.04 -10.74
CA ASP B 631 -14.19 1.83 -10.78
C ASP B 631 -14.96 3.07 -11.24
N ASP B 632 -14.23 4.11 -11.62
CA ASP B 632 -14.82 5.35 -12.09
C ASP B 632 -14.52 5.59 -13.55
N ASN B 633 -15.07 6.67 -14.10
CA ASN B 633 -14.83 7.03 -15.49
C ASN B 633 -15.37 8.43 -15.66
N TYR B 634 -14.69 9.28 -16.42
CA TYR B 634 -15.16 10.65 -16.58
C TYR B 634 -14.79 11.27 -17.92
N ALA B 635 -15.37 12.45 -18.21
CA ALA B 635 -15.12 13.14 -19.47
C ALA B 635 -15.34 14.63 -19.37
N VAL B 636 -14.68 15.35 -20.26
CA VAL B 636 -14.78 16.81 -20.33
C VAL B 636 -15.32 17.16 -21.71
N LEU B 637 -16.52 17.74 -21.76
CA LEU B 637 -17.12 18.09 -23.04
C LEU B 637 -17.07 19.59 -23.27
N GLN B 638 -17.11 19.97 -24.54
CA GLN B 638 -17.06 21.39 -24.91
C GLN B 638 -18.24 21.73 -25.81
N PHE B 639 -18.95 22.80 -25.45
CA PHE B 639 -20.12 23.23 -26.22
C PHE B 639 -19.85 24.52 -26.96
N ASN B 640 -20.53 24.70 -28.09
CA ASN B 640 -20.36 25.90 -28.92
C ASN B 640 -21.11 27.12 -28.36
N THR B 641 -21.20 27.20 -27.04
CA THR B 641 -21.89 28.30 -26.38
C THR B 641 -21.59 28.28 -24.89
N GLU B 642 -22.07 29.28 -24.15
CA GLU B 642 -21.84 29.34 -22.72
C GLU B 642 -22.82 28.46 -21.94
N VAL B 643 -22.27 27.59 -21.11
CA VAL B 643 -23.05 26.65 -20.31
C VAL B 643 -23.89 27.35 -19.24
N THR B 644 -25.15 26.95 -19.15
CA THR B 644 -26.04 27.52 -18.14
C THR B 644 -26.51 26.43 -17.18
N LYS B 645 -27.23 26.84 -16.14
CA LYS B 645 -27.73 25.91 -15.14
C LYS B 645 -28.70 24.96 -15.83
N GLN B 646 -29.48 25.51 -16.73
CA GLN B 646 -30.47 24.74 -17.48
C GLN B 646 -29.80 23.69 -18.36
N MET B 647 -28.68 24.06 -18.96
CA MET B 647 -27.96 23.14 -19.84
C MET B 647 -27.44 21.93 -19.08
N ILE B 648 -26.95 22.16 -17.87
CA ILE B 648 -26.41 21.09 -17.06
C ILE B 648 -27.51 20.11 -16.71
N GLN B 649 -28.69 20.62 -16.42
CA GLN B 649 -29.79 19.73 -16.06
C GLN B 649 -30.16 18.83 -17.22
N ASP B 650 -30.20 19.40 -18.43
CA ASP B 650 -30.54 18.62 -19.61
C ASP B 650 -29.52 17.54 -19.97
N VAL B 651 -28.23 17.88 -19.88
CA VAL B 651 -27.17 16.93 -20.17
C VAL B 651 -27.17 15.81 -19.13
N SER B 652 -27.33 16.19 -17.87
CA SER B 652 -27.35 15.25 -16.77
C SER B 652 -28.53 14.29 -16.79
N ASN B 653 -29.73 14.82 -17.10
CA ASN B 653 -30.92 13.98 -17.14
C ASN B 653 -30.84 12.97 -18.24
N ASP B 654 -30.36 13.39 -19.39
CA ASP B 654 -30.22 12.49 -20.52
C ASP B 654 -29.16 11.42 -20.27
N VAL B 655 -28.06 11.83 -19.65
CA VAL B 655 -26.98 10.90 -19.34
C VAL B 655 -27.43 9.86 -18.32
N ARG B 656 -28.16 10.29 -17.30
CA ARG B 656 -28.63 9.36 -16.28
C ARG B 656 -29.62 8.40 -16.93
N GLU B 657 -30.44 8.95 -17.81
CA GLU B 657 -31.45 8.18 -18.51
C GLU B 657 -30.78 7.13 -19.41
N THR B 658 -29.69 7.50 -20.08
CA THR B 658 -29.01 6.57 -20.96
C THR B 658 -28.50 5.43 -20.13
N TYR B 659 -27.95 5.74 -18.97
CA TYR B 659 -27.42 4.73 -18.05
C TYR B 659 -28.60 3.86 -17.55
N ALA B 660 -29.72 4.54 -17.30
CA ALA B 660 -30.92 3.92 -16.79
C ALA B 660 -31.51 2.92 -17.77
N ARG B 661 -31.47 3.26 -19.05
CA ARG B 661 -32.02 2.38 -20.06
C ARG B 661 -31.26 1.08 -20.08
N MET B 662 -29.94 1.16 -19.95
CA MET B 662 -29.11 -0.04 -19.93
C MET B 662 -29.20 -0.81 -18.61
N ASN B 663 -30.23 -0.49 -17.82
CA ASN B 663 -30.43 -1.17 -16.53
C ASN B 663 -29.24 -1.05 -15.59
N ALA B 664 -28.39 -0.07 -15.85
CA ALA B 664 -27.20 0.12 -15.02
C ALA B 664 -27.48 1.04 -13.84
N LYS B 665 -27.06 0.58 -12.66
CA LYS B 665 -27.24 1.35 -11.43
C LYS B 665 -25.94 2.06 -11.15
N VAL B 666 -25.89 3.35 -11.45
CA VAL B 666 -24.69 4.15 -11.24
C VAL B 666 -25.01 5.54 -10.71
N LYS B 667 -23.96 6.31 -10.43
CA LYS B 667 -24.11 7.66 -9.95
C LYS B 667 -23.37 8.62 -10.89
N ALA B 668 -24.13 9.29 -11.76
CA ALA B 668 -23.54 10.23 -12.69
C ALA B 668 -23.77 11.66 -12.21
N LEU B 669 -22.76 12.51 -12.38
CA LEU B 669 -22.84 13.91 -11.98
C LEU B 669 -22.16 14.80 -13.01
N VAL B 670 -22.68 16.01 -13.16
CA VAL B 670 -22.11 16.94 -14.12
C VAL B 670 -21.74 18.29 -13.46
N SER B 671 -20.49 18.69 -13.61
CA SER B 671 -20.02 19.94 -13.03
C SER B 671 -19.10 20.66 -14.01
N THR B 672 -18.70 21.87 -13.67
CA THR B 672 -17.81 22.65 -14.52
C THR B 672 -16.58 23.12 -13.74
N VAL B 673 -16.26 22.43 -12.65
CA VAL B 673 -15.10 22.82 -11.85
C VAL B 673 -14.37 21.65 -11.21
N GLY B 674 -15.11 20.72 -10.62
CA GLY B 674 -14.47 19.59 -9.98
C GLY B 674 -15.07 18.23 -10.24
N ILE B 675 -14.40 17.19 -9.74
CA ILE B 675 -14.88 15.81 -9.87
C ILE B 675 -14.46 15.03 -8.62
N GLU B 676 -15.15 13.93 -8.34
CA GLU B 676 -14.82 13.11 -7.20
C GLU B 676 -14.94 11.63 -7.52
N ILE B 677 -13.81 10.92 -7.51
CA ILE B 677 -13.77 9.48 -7.76
C ILE B 677 -13.06 8.75 -6.61
N ALA B 678 -13.15 7.43 -6.60
CA ALA B 678 -12.58 6.62 -5.54
C ALA B 678 -11.14 6.94 -5.17
N LYS B 679 -10.26 7.08 -6.16
CA LYS B 679 -8.86 7.34 -5.85
C LYS B 679 -8.52 8.77 -5.44
N ARG B 680 -9.20 9.75 -6.04
CA ARG B 680 -8.92 11.15 -5.74
C ARG B 680 -10.12 12.10 -5.96
N TYR B 681 -9.98 13.35 -5.54
CA TYR B 681 -11.05 14.31 -5.79
C TYR B 681 -10.50 15.70 -6.00
N ILE B 682 -11.15 16.50 -6.83
CA ILE B 682 -10.68 17.83 -7.14
C ILE B 682 -11.72 18.90 -6.86
N ALA B 683 -11.38 19.86 -5.99
CA ALA B 683 -12.29 20.95 -5.60
C ALA B 683 -11.56 22.29 -5.56
N GLY B 684 -12.07 23.27 -6.28
CA GLY B 684 -11.40 24.56 -6.28
C GLY B 684 -10.06 24.54 -6.98
N GLY B 685 -9.97 23.79 -8.07
CA GLY B 685 -8.73 23.72 -8.82
C GLY B 685 -7.66 22.99 -8.04
N LYS B 686 -7.95 22.61 -6.80
CA LYS B 686 -6.97 21.90 -5.97
C LYS B 686 -7.20 20.39 -5.98
N ILE B 687 -6.13 19.63 -5.82
CA ILE B 687 -6.20 18.18 -5.83
C ILE B 687 -6.28 17.70 -4.38
N PHE B 688 -7.21 16.80 -4.12
CA PHE B 688 -7.41 16.25 -2.78
C PHE B 688 -7.40 14.71 -2.84
N PHE B 689 -6.96 14.08 -1.74
CA PHE B 689 -6.90 12.62 -1.66
C PHE B 689 -7.39 12.21 -0.31
N ARG B 690 -8.35 11.28 -0.27
CA ARG B 690 -8.88 10.81 1.00
C ARG B 690 -7.77 10.22 1.86
N ALA B 691 -7.88 10.40 3.17
CA ALA B 691 -6.91 9.86 4.09
C ALA B 691 -7.65 8.95 5.06
N GLY B 692 -8.10 7.81 4.58
CA GLY B 692 -8.84 6.90 5.43
C GLY B 692 -8.26 5.53 5.61
N ILE B 693 -6.98 5.45 5.97
CA ILE B 693 -6.36 4.14 6.21
C ILE B 693 -6.55 3.80 7.69
N ASN B 694 -7.08 2.62 7.98
CA ASN B 694 -7.27 2.22 9.38
C ASN B 694 -5.99 1.84 10.05
N LEU B 695 -5.84 2.26 11.31
CA LEU B 695 -4.64 1.99 12.10
C LEU B 695 -4.72 0.79 13.08
N LEU B 696 -5.69 0.84 13.98
CA LEU B 696 -5.81 -0.21 14.97
C LEU B 696 -6.71 -1.37 14.61
N ASN B 697 -7.12 -1.41 13.34
CA ASN B 697 -7.96 -2.51 12.85
C ASN B 697 -7.56 -2.77 11.40
N ASN B 698 -7.52 -4.05 11.02
CA ASN B 698 -7.18 -4.44 9.65
C ASN B 698 -8.35 -5.08 8.90
N GLU B 699 -8.11 -5.42 7.63
CA GLU B 699 -9.14 -6.04 6.81
C GLU B 699 -9.11 -7.57 6.98
N LYS B 700 -7.90 -8.12 6.97
CA LYS B 700 -7.74 -9.56 7.13
C LYS B 700 -6.40 -9.91 7.75
N ARG B 701 -6.24 -11.17 8.12
CA ARG B 701 -5.00 -11.64 8.73
C ARG B 701 -4.04 -12.17 7.67
N GLY B 702 -2.75 -12.17 7.98
CA GLY B 702 -1.77 -12.65 7.03
C GLY B 702 -0.74 -13.52 7.70
N GLN B 703 0.50 -13.46 7.24
CA GLN B 703 1.56 -14.27 7.81
C GLN B 703 2.73 -13.38 8.20
N SER B 704 2.46 -12.09 8.36
CA SER B 704 3.48 -11.11 8.75
C SER B 704 3.68 -11.14 10.27
N THR B 705 4.83 -10.65 10.72
CA THR B 705 5.13 -10.65 12.16
C THR B 705 4.71 -9.35 12.81
N GLN B 706 4.93 -9.25 14.12
CA GLN B 706 4.57 -8.05 14.86
C GLN B 706 5.41 -6.87 14.35
N TRP B 707 6.69 -7.14 14.08
CA TRP B 707 7.59 -6.12 13.59
C TRP B 707 7.13 -5.61 12.25
N ASP B 708 6.68 -6.51 11.38
CA ASP B 708 6.24 -6.08 10.06
C ASP B 708 5.00 -5.20 10.20
N GLN B 709 4.12 -5.60 11.09
CA GLN B 709 2.90 -4.87 11.34
C GLN B 709 3.20 -3.51 11.93
N ALA B 710 4.18 -3.46 12.83
CA ALA B 710 4.58 -2.20 13.46
C ALA B 710 5.12 -1.27 12.39
N ALA B 711 5.93 -1.80 11.49
CA ALA B 711 6.51 -1.00 10.41
C ALA B 711 5.39 -0.49 9.50
N ILE B 712 4.41 -1.35 9.25
CA ILE B 712 3.24 -1.04 8.43
C ILE B 712 2.37 0.06 9.06
N LEU B 713 2.23 0.02 10.37
CA LEU B 713 1.41 1.00 11.08
C LEU B 713 2.03 2.36 10.90
N TYR B 714 3.36 2.43 10.99
CA TYR B 714 4.07 3.70 10.84
C TYR B 714 3.86 4.23 9.44
N SER B 715 3.88 3.31 8.48
CA SER B 715 3.70 3.68 7.09
C SER B 715 2.30 4.25 6.85
N ASN B 716 1.31 3.60 7.47
CA ASN B 716 -0.07 4.01 7.29
C ASN B 716 -0.20 5.39 7.87
N TYR B 717 0.48 5.60 8.97
CA TYR B 717 0.45 6.88 9.66
C TYR B 717 1.06 7.94 8.76
N ILE B 718 2.15 7.60 8.09
CA ILE B 718 2.81 8.57 7.23
C ILE B 718 1.95 8.96 6.02
N VAL B 719 1.30 7.98 5.41
CA VAL B 719 0.45 8.28 4.27
C VAL B 719 -0.76 9.14 4.70
N ASN B 720 -1.36 8.77 5.84
CA ASN B 720 -2.52 9.50 6.37
C ASN B 720 -2.12 10.92 6.72
N ARG B 721 -0.94 11.04 7.33
CA ARG B 721 -0.44 12.33 7.73
C ARG B 721 -0.21 13.17 6.50
N LEU B 722 0.31 12.55 5.45
CA LEU B 722 0.53 13.25 4.19
C LEU B 722 -0.79 13.65 3.53
N ARG B 723 -1.78 12.76 3.63
CA ARG B 723 -3.08 13.02 3.01
C ARG B 723 -4.03 13.96 3.77
N GLY B 724 -3.73 14.27 5.03
CA GLY B 724 -4.58 15.16 5.80
C GLY B 724 -5.25 14.64 7.08
N PHE B 725 -4.82 13.47 7.53
CA PHE B 725 -5.40 12.85 8.72
C PHE B 725 -4.21 12.50 9.60
N GLU B 726 -3.93 13.35 10.57
CA GLU B 726 -2.80 13.10 11.46
C GLU B 726 -3.15 12.41 12.77
N THR B 727 -2.30 11.48 13.20
CA THR B 727 -2.54 10.74 14.44
C THR B 727 -1.31 11.08 15.25
N ASP B 728 -1.49 11.50 16.49
CA ASP B 728 -0.35 11.85 17.34
C ASP B 728 0.82 10.87 17.22
N ARG B 729 2.00 11.43 16.99
CA ARG B 729 3.24 10.69 16.82
C ARG B 729 3.64 9.91 18.09
N GLU B 730 3.43 10.52 19.24
CA GLU B 730 3.80 9.89 20.49
C GLU B 730 2.98 8.62 20.61
N PHE B 731 1.73 8.67 20.21
CA PHE B 731 0.93 7.45 20.28
C PHE B 731 1.50 6.40 19.36
N ILE B 732 1.90 6.79 18.15
CA ILE B 732 2.46 5.85 17.20
C ILE B 732 3.76 5.27 17.75
N LEU B 733 4.57 6.13 18.35
CA LEU B 733 5.82 5.67 18.92
C LEU B 733 5.54 4.70 20.06
N THR B 734 4.51 5.00 20.85
CA THR B 734 4.16 4.17 21.97
C THR B 734 3.73 2.82 21.45
N LYS B 735 2.96 2.82 20.37
CA LYS B 735 2.47 1.59 19.77
C LYS B 735 3.62 0.75 19.25
N ILE B 736 4.58 1.44 18.66
CA ILE B 736 5.75 0.77 18.11
C ILE B 736 6.56 0.09 19.23
N MET B 737 6.66 0.73 20.38
CA MET B 737 7.41 0.13 21.47
C MET B 737 6.76 -1.16 21.94
N GLN B 738 5.43 -1.14 22.07
CA GLN B 738 4.72 -2.34 22.53
C GLN B 738 4.82 -3.49 21.54
N MET B 739 4.62 -3.15 20.27
CA MET B 739 4.66 -4.12 19.20
C MET B 739 6.00 -4.78 18.92
N THR B 740 7.08 -4.00 19.00
CA THR B 740 8.41 -4.52 18.71
C THR B 740 9.12 -5.13 19.89
N SER B 741 8.41 -5.37 20.98
CA SER B 741 9.03 -5.96 22.16
C SER B 741 9.21 -7.46 22.01
N VAL B 742 10.07 -8.04 22.83
CA VAL B 742 10.32 -9.48 22.79
C VAL B 742 10.50 -10.04 24.19
N ALA B 743 9.65 -11.00 24.56
CA ALA B 743 9.71 -11.59 25.89
C ALA B 743 10.82 -12.65 25.97
N ILE B 744 11.46 -12.73 27.13
CA ILE B 744 12.52 -13.71 27.36
C ILE B 744 11.88 -14.79 28.22
N THR B 745 11.04 -14.37 29.15
CA THR B 745 10.34 -15.27 30.06
C THR B 745 8.97 -14.68 30.31
N GLY B 746 8.32 -15.12 31.38
CA GLY B 746 7.00 -14.61 31.72
C GLY B 746 7.03 -13.31 32.51
N SER B 747 8.24 -12.81 32.75
CA SER B 747 8.44 -11.58 33.51
C SER B 747 9.61 -10.77 32.97
N LEU B 748 10.26 -11.30 31.93
CA LEU B 748 11.41 -10.65 31.33
C LEU B 748 11.07 -10.23 29.90
N ARG B 749 10.99 -8.93 29.67
CA ARG B 749 10.64 -8.41 28.34
C ARG B 749 11.72 -7.44 27.88
N LEU B 750 12.18 -7.60 26.65
CA LEU B 750 13.24 -6.76 26.10
C LEU B 750 12.74 -5.79 25.04
N PHE B 751 12.96 -4.50 25.26
CA PHE B 751 12.53 -3.47 24.34
C PHE B 751 13.70 -2.93 23.56
N PRO B 752 13.66 -3.02 22.22
CA PRO B 752 14.75 -2.54 21.35
C PRO B 752 14.89 -1.02 21.43
N SER B 753 16.11 -0.53 21.26
CA SER B 753 16.37 0.92 21.33
C SER B 753 16.04 1.62 20.01
N GLU B 754 16.12 2.95 20.03
CA GLU B 754 15.82 3.78 18.87
C GLU B 754 16.80 3.52 17.74
N ARG B 755 18.06 3.34 18.11
CA ARG B 755 19.07 3.08 17.10
C ARG B 755 18.81 1.75 16.40
N VAL B 756 18.39 0.75 17.17
CA VAL B 756 18.13 -0.55 16.55
C VAL B 756 16.93 -0.44 15.61
N LEU B 757 15.91 0.26 16.09
CA LEU B 757 14.68 0.50 15.34
C LEU B 757 14.73 1.38 14.09
N THR B 758 15.51 2.47 14.14
CA THR B 758 15.53 3.40 13.04
C THR B 758 16.68 3.35 12.05
N THR B 759 17.77 2.67 12.39
CA THR B 759 18.91 2.60 11.48
C THR B 759 18.56 1.83 10.20
N ASN B 760 19.09 2.28 9.06
CA ASN B 760 18.79 1.62 7.80
C ASN B 760 19.39 0.23 7.79
N SER B 761 18.69 -0.73 8.39
CA SER B 761 19.16 -2.10 8.46
C SER B 761 18.07 -3.05 8.00
N THR B 762 18.24 -4.34 8.28
CA THR B 762 17.26 -5.34 7.90
C THR B 762 16.18 -5.42 8.96
N PHE B 763 16.29 -4.54 9.96
CA PHE B 763 15.34 -4.50 11.06
C PHE B 763 14.77 -3.10 11.29
N LYS B 764 14.86 -2.24 10.28
CA LYS B 764 14.34 -0.87 10.39
C LYS B 764 12.81 -0.84 10.34
N VAL B 765 12.21 -0.11 11.28
CA VAL B 765 10.76 0.00 11.34
C VAL B 765 10.23 1.40 11.02
N PHE B 766 10.98 2.44 11.38
CA PHE B 766 10.56 3.81 11.09
C PHE B 766 11.74 4.77 11.13
N ASP B 767 11.52 5.98 10.62
CA ASP B 767 12.56 7.01 10.56
C ASP B 767 12.61 7.80 11.85
N SER B 768 13.82 8.07 12.34
CA SER B 768 13.99 8.83 13.57
C SER B 768 13.22 10.13 13.50
N GLU B 769 13.15 10.69 12.29
CA GLU B 769 12.45 11.95 12.06
C GLU B 769 11.64 11.79 10.80
N ASP B 770 10.32 11.96 10.91
CA ASP B 770 9.43 11.83 9.76
C ASP B 770 9.82 12.64 8.54
N PHE B 771 9.70 12.02 7.36
CA PHE B 771 10.04 12.61 6.08
C PHE B 771 11.53 12.85 5.87
N ILE B 772 12.36 12.06 6.55
CA ILE B 772 13.81 12.16 6.44
C ILE B 772 14.49 10.82 6.72
N ILE B 773 14.95 10.15 5.66
CA ILE B 773 15.64 8.88 5.80
C ILE B 773 17.15 9.12 6.01
N GLU B 774 17.63 8.76 7.20
CA GLU B 774 19.03 8.94 7.55
C GLU B 774 19.81 7.66 7.27
N TYR B 775 21.12 7.80 7.22
CA TYR B 775 22.04 6.68 6.98
C TYR B 775 23.23 6.85 7.92
N GLY B 776 23.69 5.74 8.50
CA GLY B 776 24.79 5.78 9.44
C GLY B 776 26.02 6.57 9.06
N THR B 777 26.25 7.68 9.77
CA THR B 777 27.42 8.51 9.51
C THR B 777 28.39 8.45 10.68
N THR B 778 28.10 7.53 11.60
CA THR B 778 28.92 7.32 12.79
C THR B 778 29.43 5.87 12.81
N VAL B 779 30.55 5.64 13.47
CA VAL B 779 31.13 4.30 13.52
C VAL B 779 30.24 3.28 14.24
N ASP B 780 29.61 3.69 15.33
CA ASP B 780 28.76 2.77 16.08
C ASP B 780 27.58 2.32 15.24
N GLU B 781 27.01 3.24 14.48
CA GLU B 781 25.87 2.91 13.63
C GLU B 781 26.34 1.91 12.60
N VAL B 782 27.52 2.14 12.08
CA VAL B 782 28.07 1.23 11.08
C VAL B 782 28.29 -0.15 11.69
N TYR B 783 28.76 -0.17 12.92
CA TYR B 783 29.03 -1.43 13.58
C TYR B 783 27.75 -2.19 13.76
N ILE B 784 26.70 -1.48 14.16
CA ILE B 784 25.40 -2.10 14.34
C ILE B 784 24.80 -2.58 13.02
N GLN B 785 24.97 -1.77 11.98
CA GLN B 785 24.40 -2.09 10.68
C GLN B 785 25.00 -3.36 10.09
N ARG B 786 26.32 -3.48 10.22
CA ARG B 786 27.02 -4.65 9.72
C ARG B 786 26.61 -5.90 10.50
N ALA B 787 26.46 -5.73 11.81
CA ALA B 787 26.05 -6.83 12.68
C ALA B 787 24.64 -7.37 12.42
N PHE B 788 23.70 -6.47 12.19
CA PHE B 788 22.31 -6.85 11.94
C PHE B 788 22.15 -7.65 10.67
N MET B 789 22.89 -7.25 9.64
CA MET B 789 22.83 -7.90 8.34
C MET B 789 23.31 -9.34 8.54
N SER B 790 24.34 -9.49 9.37
CA SER B 790 24.91 -10.80 9.68
C SER B 790 23.82 -11.87 9.83
N LEU B 791 22.77 -11.54 10.57
CA LEU B 791 21.66 -12.45 10.78
C LEU B 791 20.41 -11.96 10.07
N SER B 792 20.50 -11.85 8.75
CA SER B 792 19.36 -11.39 7.95
C SER B 792 18.47 -12.56 7.50
N SER B 793 19.11 -13.58 6.92
CA SER B 793 18.39 -14.76 6.45
C SER B 793 18.58 -15.95 7.38
N GLN B 794 17.48 -16.61 7.72
CA GLN B 794 17.53 -17.77 8.60
C GLN B 794 17.05 -19.04 7.90
N LYS B 795 17.66 -20.16 8.26
CA LYS B 795 17.34 -21.44 7.65
C LYS B 795 16.06 -22.06 8.19
N SER B 796 15.46 -22.93 7.38
CA SER B 796 14.24 -23.63 7.71
C SER B 796 14.31 -25.08 7.23
N GLY B 797 14.36 -26.02 8.16
CA GLY B 797 14.43 -27.42 7.80
C GLY B 797 13.34 -27.79 6.80
N ILE B 798 12.09 -27.63 7.22
CA ILE B 798 10.96 -27.94 6.37
C ILE B 798 11.14 -27.42 4.96
N ALA B 799 11.83 -26.29 4.83
CA ALA B 799 12.09 -25.66 3.53
C ALA B 799 13.18 -26.37 2.73
N ASP B 800 14.28 -26.70 3.40
CA ASP B 800 15.38 -27.37 2.73
C ASP B 800 14.94 -28.75 2.28
N GLU B 801 14.03 -29.36 3.04
CA GLU B 801 13.53 -30.68 2.70
C GLU B 801 13.02 -30.71 1.27
N ILE B 802 11.94 -29.96 1.05
CA ILE B 802 11.29 -29.88 -0.24
C ILE B 802 12.23 -29.32 -1.30
N ALA B 803 13.18 -28.51 -0.88
CA ALA B 803 14.14 -27.92 -1.81
C ALA B 803 15.10 -29.02 -2.31
N ALA B 804 15.01 -30.19 -1.70
CA ALA B 804 15.85 -31.33 -2.06
C ALA B 804 15.04 -32.51 -2.60
N SER B 805 13.72 -32.43 -2.47
CA SER B 805 12.85 -33.49 -2.96
C SER B 805 12.97 -33.63 -4.48
N SER B 806 12.40 -34.70 -5.01
CA SER B 806 12.44 -34.95 -6.45
C SER B 806 11.60 -33.93 -7.17
N THR B 807 10.29 -34.13 -7.10
CA THR B 807 9.33 -33.23 -7.74
C THR B 807 9.76 -31.77 -7.84
N PHE B 808 10.48 -31.29 -6.82
CA PHE B 808 10.91 -29.90 -6.79
C PHE B 808 12.02 -29.56 -7.79
N LYS B 809 13.08 -30.36 -7.77
CA LYS B 809 14.21 -30.17 -8.67
C LYS B 809 13.79 -30.32 -10.11
N ASN B 810 12.90 -31.28 -10.35
CA ASN B 810 12.39 -31.55 -11.69
C ASN B 810 11.60 -30.34 -12.19
N TYR B 811 10.83 -29.71 -11.30
CA TYR B 811 10.05 -28.55 -11.69
C TYR B 811 10.99 -27.42 -12.11
N VAL B 812 12.06 -27.23 -11.35
CA VAL B 812 13.04 -26.21 -11.70
C VAL B 812 13.73 -26.57 -13.02
N THR B 813 14.07 -27.86 -13.14
CA THR B 813 14.77 -28.37 -14.31
C THR B 813 13.91 -28.30 -15.56
N ARG B 814 12.63 -28.63 -15.42
CA ARG B 814 11.74 -28.60 -16.57
C ARG B 814 11.56 -27.18 -17.09
N LEU B 815 11.46 -26.21 -16.18
CA LEU B 815 11.30 -24.82 -16.58
C LEU B 815 12.56 -24.31 -17.28
N SER B 816 13.72 -24.66 -16.75
CA SER B 816 14.98 -24.24 -17.32
C SER B 816 15.31 -24.81 -18.70
N GLU B 817 15.04 -26.10 -18.90
CA GLU B 817 15.33 -26.73 -20.19
C GLU B 817 14.33 -26.29 -21.26
N GLN B 818 13.26 -25.64 -20.82
CA GLN B 818 12.23 -25.15 -21.71
C GLN B 818 12.49 -23.70 -22.07
N LEU B 819 13.17 -23.00 -21.17
CA LEU B 819 13.46 -21.59 -21.36
C LEU B 819 14.71 -21.31 -22.17
N LEU B 820 15.87 -21.52 -21.56
CA LEU B 820 17.15 -21.24 -22.21
C LEU B 820 17.70 -22.37 -23.09
N PHE B 821 18.72 -22.02 -23.88
CA PHE B 821 19.38 -22.96 -24.79
C PHE B 821 20.76 -23.34 -24.24
N SER B 822 21.71 -22.42 -24.34
CA SER B 822 23.07 -22.66 -23.85
C SER B 822 23.12 -22.86 -22.34
N LYS B 823 24.14 -22.31 -21.67
CA LYS B 823 24.25 -22.53 -20.24
C LYS B 823 23.44 -21.69 -19.25
N ASN B 824 22.99 -22.46 -18.27
CA ASN B 824 22.15 -22.16 -17.12
C ASN B 824 22.32 -21.23 -15.91
N ASN B 825 23.50 -21.15 -15.32
CA ASN B 825 23.58 -20.55 -13.98
C ASN B 825 23.24 -19.13 -13.56
N ILE B 826 23.52 -18.05 -14.30
CA ILE B 826 23.06 -16.81 -13.66
C ILE B 826 21.53 -16.93 -13.60
N VAL B 827 20.92 -17.41 -14.69
CA VAL B 827 19.47 -17.63 -14.74
C VAL B 827 18.96 -18.74 -13.84
N SER B 828 19.70 -19.84 -13.80
CA SER B 828 19.33 -21.03 -13.03
C SER B 828 19.31 -20.84 -11.53
N ARG B 829 20.29 -20.12 -11.01
CA ARG B 829 20.37 -19.89 -9.57
C ARG B 829 19.14 -19.07 -9.18
N GLY B 830 18.80 -18.11 -10.04
CA GLY B 830 17.65 -17.26 -9.76
C GLY B 830 16.33 -17.99 -9.76
N ILE B 831 16.14 -18.88 -10.73
CA ILE B 831 14.89 -19.62 -10.84
C ILE B 831 14.70 -20.57 -9.66
N ALA B 832 15.76 -21.25 -9.26
CA ALA B 832 15.68 -22.18 -8.15
C ALA B 832 15.38 -21.44 -6.86
N LEU B 833 16.02 -20.30 -6.66
CA LEU B 833 15.81 -19.49 -5.45
C LEU B 833 14.43 -18.85 -5.50
N THR B 834 14.09 -18.27 -6.64
CA THR B 834 12.79 -17.64 -6.82
C THR B 834 11.72 -18.66 -6.49
N GLU B 835 12.01 -19.94 -6.71
CA GLU B 835 11.05 -20.98 -6.43
C GLU B 835 11.14 -21.49 -5.00
N LYS B 836 12.30 -21.30 -4.38
CA LYS B 836 12.46 -21.76 -3.00
C LYS B 836 11.78 -20.81 -2.03
N ALA B 837 11.67 -19.55 -2.44
CA ALA B 837 11.05 -18.52 -1.61
C ALA B 837 9.54 -18.63 -1.58
N LYS B 838 8.97 -18.99 -2.72
CA LYS B 838 7.52 -19.12 -2.83
C LYS B 838 6.96 -20.04 -1.76
N LEU B 839 7.82 -20.82 -1.12
CA LEU B 839 7.42 -21.74 -0.07
C LEU B 839 7.08 -20.98 1.19
N ASN B 840 7.46 -19.69 1.21
CA ASN B 840 7.21 -18.82 2.35
C ASN B 840 5.74 -18.51 2.65
N SER B 841 4.84 -18.98 1.78
CA SER B 841 3.41 -18.76 1.98
C SER B 841 2.93 -19.89 2.87
N TYR B 842 3.74 -20.96 2.94
CA TYR B 842 3.45 -22.12 3.76
C TYR B 842 3.80 -21.79 5.20
N ALA B 843 2.78 -21.49 6.00
CA ALA B 843 2.96 -21.13 7.40
C ALA B 843 4.07 -21.90 8.12
N PRO B 844 4.01 -23.23 8.11
CA PRO B 844 5.04 -24.02 8.80
C PRO B 844 6.45 -23.54 8.52
N ILE B 845 6.72 -23.15 7.28
CA ILE B 845 8.05 -22.66 6.93
C ILE B 845 8.21 -21.22 7.44
N SER B 846 7.12 -20.47 7.39
CA SER B 846 7.13 -19.10 7.85
C SER B 846 7.38 -19.07 9.37
N LEU B 847 6.74 -19.98 10.09
CA LEU B 847 6.85 -20.06 11.55
C LEU B 847 8.27 -20.39 12.01
N GLU B 848 8.92 -21.31 11.31
CA GLU B 848 10.28 -21.72 11.67
C GLU B 848 11.24 -20.56 11.50
N LYS B 849 11.04 -19.79 10.43
CA LYS B 849 11.89 -18.65 10.14
C LYS B 849 11.78 -17.58 11.23
N ARG B 850 10.56 -17.30 11.70
CA ARG B 850 10.35 -16.30 12.73
C ARG B 850 10.97 -16.69 14.06
N ARG B 851 10.84 -17.95 14.45
CA ARG B 851 11.41 -18.40 15.72
C ARG B 851 12.93 -18.26 15.70
N ALA B 852 13.52 -18.60 14.55
CA ALA B 852 14.97 -18.49 14.39
C ALA B 852 15.41 -17.03 14.49
N GLN B 853 14.64 -16.13 13.91
CA GLN B 853 14.96 -14.72 13.94
C GLN B 853 14.95 -14.15 15.33
N ILE B 854 13.96 -14.52 16.13
CA ILE B 854 13.85 -14.02 17.50
C ILE B 854 14.99 -14.48 18.41
N SER B 855 15.39 -15.75 18.30
CA SER B 855 16.46 -16.27 19.14
C SER B 855 17.77 -15.57 18.78
N ALA B 856 17.98 -15.37 17.49
CA ALA B 856 19.17 -14.70 17.01
C ALA B 856 19.11 -13.26 17.48
N LEU B 857 17.92 -12.68 17.41
CA LEU B 857 17.68 -11.32 17.83
C LEU B 857 17.88 -11.10 19.33
N LEU B 858 17.43 -12.07 20.14
CA LEU B 858 17.56 -11.94 21.59
C LEU B 858 19.04 -11.88 21.97
N THR B 859 19.83 -12.74 21.34
CA THR B 859 21.26 -12.76 21.58
C THR B 859 21.93 -11.49 21.10
N MET B 860 21.50 -10.97 19.95
CA MET B 860 22.10 -9.78 19.39
C MET B 860 21.88 -8.55 20.26
N LEU B 861 20.67 -8.40 20.78
CA LEU B 861 20.37 -7.28 21.67
C LEU B 861 21.15 -7.44 22.96
N GLN B 862 21.23 -8.67 23.45
CA GLN B 862 21.96 -8.98 24.68
C GLN B 862 23.45 -8.60 24.61
N LYS B 863 24.13 -9.05 23.55
CA LYS B 863 25.55 -8.75 23.37
C LYS B 863 25.96 -8.89 21.90
N PRO B 864 25.94 -7.76 21.15
CA PRO B 864 26.30 -7.73 19.73
C PRO B 864 27.51 -8.60 19.37
N VAL B 865 27.33 -9.41 18.33
CA VAL B 865 28.35 -10.34 17.84
C VAL B 865 29.39 -9.67 16.92
N THR B 866 30.29 -10.48 16.38
CA THR B 866 31.33 -10.03 15.47
C THR B 866 30.86 -10.25 14.04
N PHE B 867 31.53 -9.61 13.08
CA PHE B 867 31.16 -9.76 11.68
C PHE B 867 32.33 -9.44 10.76
N LYS B 868 32.57 -10.32 9.80
CA LYS B 868 33.66 -10.13 8.84
C LYS B 868 33.34 -9.08 7.77
N SER B 869 32.13 -8.53 7.85
CA SER B 869 31.68 -7.50 6.92
C SER B 869 31.89 -7.94 5.47
N SER B 870 32.89 -7.36 4.82
CA SER B 870 33.23 -7.69 3.45
C SER B 870 32.08 -7.45 2.45
N LYS B 871 30.99 -6.85 2.92
CA LYS B 871 29.84 -6.56 2.06
C LYS B 871 29.54 -5.07 2.05
N ILE B 872 29.46 -4.49 0.87
CA ILE B 872 29.17 -3.07 0.72
C ILE B 872 27.70 -2.77 0.40
N THR B 873 27.23 -1.63 0.88
CA THR B 873 25.86 -1.21 0.66
C THR B 873 25.79 0.29 0.30
N ILE B 874 24.56 0.79 0.24
CA ILE B 874 24.26 2.18 -0.07
C ILE B 874 24.80 3.11 1.00
N ASN B 875 24.69 2.68 2.24
CA ASN B 875 25.14 3.47 3.35
C ASN B 875 26.65 3.67 3.25
N ASP B 876 27.37 2.64 2.86
CA ASP B 876 28.82 2.77 2.74
C ASP B 876 29.23 3.78 1.66
N ILE B 877 28.53 3.75 0.54
CA ILE B 877 28.82 4.66 -0.56
C ILE B 877 28.58 6.11 -0.12
N LEU B 878 27.48 6.35 0.60
CA LEU B 878 27.15 7.69 1.08
C LEU B 878 28.14 8.21 2.11
N ARG B 879 28.58 7.32 2.99
CA ARG B 879 29.51 7.68 4.05
C ARG B 879 30.84 8.13 3.45
N ASP B 880 31.27 7.46 2.40
CA ASP B 880 32.53 7.81 1.75
C ASP B 880 32.47 9.22 1.15
N ILE B 881 31.34 9.55 0.55
CA ILE B 881 31.17 10.86 -0.08
C ILE B 881 31.11 12.04 0.90
N LYS B 882 30.19 11.99 1.85
CA LYS B 882 29.97 13.05 2.82
C LYS B 882 31.12 14.01 3.15
N PRO B 883 32.23 13.49 3.70
CA PRO B 883 33.38 14.34 4.05
C PRO B 883 33.99 15.16 2.91
N PHE B 884 33.28 15.32 1.79
CA PHE B 884 33.82 16.08 0.67
C PHE B 884 32.89 17.16 0.18
N PHE B 885 32.05 17.68 1.07
CA PHE B 885 31.10 18.74 0.74
C PHE B 885 31.23 19.91 1.71
N THR B 886 31.02 21.12 1.22
CA THR B 886 31.10 22.30 2.08
C THR B 886 29.71 22.96 2.15
N VAL B 887 29.18 23.08 3.37
CA VAL B 887 27.88 23.67 3.56
C VAL B 887 27.95 25.19 3.71
N SER B 888 26.89 25.86 3.28
CA SER B 888 26.79 27.31 3.35
C SER B 888 25.32 27.76 3.19
N ASP B 889 24.84 28.53 4.15
CA ASP B 889 23.47 29.02 4.13
C ASP B 889 23.14 29.69 2.81
N ALA B 890 22.01 29.29 2.24
CA ALA B 890 21.54 29.85 0.97
C ALA B 890 20.08 30.20 1.14
N HIS B 891 19.41 30.63 0.07
CA HIS B 891 18.01 31.00 0.17
C HIS B 891 17.20 30.79 -1.11
N LEU B 892 16.04 30.17 -0.95
CA LEU B 892 15.14 29.88 -2.06
C LEU B 892 13.75 30.41 -1.76
N PRO B 893 13.28 31.37 -2.54
CA PRO B 893 11.93 31.94 -2.32
C PRO B 893 10.84 30.98 -2.79
N ILE B 894 9.62 31.21 -2.35
CA ILE B 894 8.52 30.37 -2.76
C ILE B 894 7.96 30.91 -4.07
N GLN B 895 7.80 30.06 -5.07
CA GLN B 895 7.28 30.50 -6.37
C GLN B 895 6.01 29.79 -6.83
N TYR B 896 5.80 28.57 -6.35
CA TYR B 896 4.62 27.80 -6.76
C TYR B 896 3.48 27.81 -5.73
N GLN B 897 2.29 28.17 -6.20
CA GLN B 897 1.10 28.21 -5.36
C GLN B 897 0.78 26.79 -4.94
N LYS B 898 0.10 26.66 -3.81
CA LYS B 898 -0.27 25.36 -3.28
C LYS B 898 -1.45 24.73 -4.06
N PHE B 899 -1.28 23.49 -4.48
CA PHE B 899 -2.31 22.79 -5.21
C PHE B 899 -2.80 21.55 -4.43
N MET B 900 -1.96 21.07 -3.51
CA MET B 900 -2.29 19.92 -2.67
C MET B 900 -2.26 20.39 -1.19
N PRO B 901 -3.30 21.12 -0.77
CA PRO B 901 -3.52 21.70 0.54
C PRO B 901 -3.23 20.85 1.77
N THR B 902 -3.76 19.63 1.81
CA THR B 902 -3.60 18.74 2.98
C THR B 902 -2.14 18.53 3.45
N LEU B 903 -1.22 18.59 2.51
CA LEU B 903 0.19 18.41 2.83
C LEU B 903 0.70 19.15 4.07
N PRO B 904 1.41 18.44 4.96
CA PRO B 904 1.95 19.09 6.16
C PRO B 904 2.78 20.28 5.73
N ASP B 905 3.00 21.23 6.63
CA ASP B 905 3.75 22.45 6.31
C ASP B 905 5.16 22.27 5.84
N ASN B 906 5.95 21.42 6.49
CA ASN B 906 7.34 21.24 6.06
C ASN B 906 7.45 20.61 4.64
N VAL B 907 6.60 19.63 4.35
CA VAL B 907 6.60 18.99 3.05
C VAL B 907 6.16 19.95 1.94
N GLN B 908 5.15 20.76 2.28
CA GLN B 908 4.53 21.74 1.37
C GLN B 908 5.52 22.82 0.96
N TYR B 909 6.34 23.22 1.91
CA TYR B 909 7.33 24.28 1.68
C TYR B 909 8.35 23.84 0.60
N ILE B 910 8.78 22.58 0.61
CA ILE B 910 9.74 22.12 -0.37
C ILE B 910 9.12 22.22 -1.74
N ILE B 911 7.85 21.84 -1.86
CA ILE B 911 7.17 21.91 -3.15
C ILE B 911 7.01 23.37 -3.62
N GLN B 912 6.69 24.27 -2.70
CA GLN B 912 6.50 25.68 -3.05
C GLN B 912 7.78 26.26 -3.58
N CYS B 913 8.90 25.90 -2.96
CA CYS B 913 10.20 26.41 -3.40
C CYS B 913 10.83 25.76 -4.64
N ILE B 914 10.73 24.43 -4.77
CA ILE B 914 11.36 23.76 -5.91
C ILE B 914 10.40 23.08 -6.88
N GLY B 915 9.14 22.95 -6.51
CA GLY B 915 8.20 22.30 -7.42
C GLY B 915 8.01 20.80 -7.23
N SER B 916 7.10 20.22 -8.01
CA SER B 916 6.81 18.79 -7.93
C SER B 916 6.97 18.14 -9.28
N ARG B 917 6.52 16.90 -9.42
CA ARG B 917 6.64 16.19 -10.68
C ARG B 917 5.38 15.40 -11.02
N THR B 918 5.23 14.99 -12.27
CA THR B 918 4.06 14.23 -12.68
C THR B 918 4.41 12.83 -13.19
N TYR B 919 5.59 12.35 -12.84
CA TYR B 919 6.05 11.04 -13.31
C TYR B 919 6.79 10.26 -12.23
N GLN B 920 7.05 9.00 -12.54
CA GLN B 920 7.77 8.11 -11.64
C GLN B 920 9.12 7.82 -12.25
N ILE B 921 10.15 7.88 -11.42
CA ILE B 921 11.51 7.64 -11.88
C ILE B 921 11.73 6.15 -12.08
N GLU B 922 12.02 5.76 -13.32
CA GLU B 922 12.24 4.36 -13.67
C GLU B 922 13.23 3.67 -12.71
N ASP B 923 12.73 2.66 -12.00
CA ASP B 923 13.53 1.92 -11.03
C ASP B 923 13.54 0.42 -11.26
N ASP B 924 13.31 0.00 -12.50
CA ASP B 924 13.31 -1.42 -12.83
C ASP B 924 14.24 -1.72 -14.00
N GLY B 925 14.78 -0.68 -14.61
CA GLY B 925 15.69 -0.85 -15.73
C GLY B 925 15.00 -1.32 -16.99
N SER B 926 13.67 -1.36 -16.96
CA SER B 926 12.91 -1.80 -18.13
C SER B 926 13.19 -0.93 -19.36
N LYS B 927 13.61 0.31 -19.12
CA LYS B 927 13.90 1.25 -20.20
C LYS B 927 15.32 1.12 -20.77
N SER B 928 15.96 -0.02 -20.50
CA SER B 928 17.30 -0.27 -21.03
C SER B 928 17.19 -1.04 -22.34
N ALA B 929 18.15 -0.81 -23.24
CA ALA B 929 18.14 -1.47 -24.54
C ALA B 929 18.30 -2.97 -24.39
N ILE B 930 19.18 -3.41 -23.49
CA ILE B 930 19.43 -4.83 -23.26
C ILE B 930 18.18 -5.53 -22.73
N SER B 931 17.49 -4.88 -21.81
CA SER B 931 16.28 -5.44 -21.22
C SER B 931 15.24 -5.57 -22.33
N ARG B 932 15.18 -4.56 -23.21
CA ARG B 932 14.24 -4.57 -24.32
C ARG B 932 14.57 -5.71 -25.29
N LEU B 933 15.87 -5.93 -25.52
CA LEU B 933 16.35 -6.97 -26.44
C LEU B 933 15.98 -8.33 -25.93
N ILE B 934 16.09 -8.52 -24.63
CA ILE B 934 15.75 -9.79 -23.98
C ILE B 934 14.25 -10.07 -24.16
N SER B 935 13.46 -9.02 -24.06
CA SER B 935 12.01 -9.07 -24.19
C SER B 935 11.56 -9.52 -25.58
N LYS B 936 12.26 -9.05 -26.62
CA LYS B 936 11.93 -9.36 -28.00
C LYS B 936 12.07 -10.85 -28.31
N TYR B 937 13.11 -11.49 -27.78
CA TYR B 937 13.32 -12.91 -28.05
C TYR B 937 13.05 -13.89 -26.90
N SER B 938 12.95 -13.38 -25.67
CA SER B 938 12.71 -14.23 -24.51
C SER B 938 11.50 -13.84 -23.67
N VAL B 939 10.88 -14.83 -23.03
CA VAL B 939 9.72 -14.60 -22.20
C VAL B 939 10.20 -14.31 -20.76
N TYR B 940 11.49 -14.50 -20.54
CA TYR B 940 12.11 -14.26 -19.24
C TYR B 940 12.13 -12.78 -18.92
N LYS B 941 12.01 -12.46 -17.63
CA LYS B 941 12.03 -11.08 -17.14
C LYS B 941 13.04 -10.94 -16.02
N PRO B 942 14.24 -10.46 -16.33
CA PRO B 942 15.25 -10.30 -15.30
C PRO B 942 14.84 -9.20 -14.33
N SER B 943 15.33 -9.29 -13.10
CA SER B 943 15.01 -8.27 -12.10
C SER B 943 16.01 -7.15 -12.28
N ILE B 944 15.80 -6.05 -11.56
CA ILE B 944 16.72 -4.93 -11.67
C ILE B 944 18.07 -5.39 -11.18
N GLU B 945 18.07 -6.18 -10.11
CA GLU B 945 19.31 -6.65 -9.53
C GLU B 945 20.08 -7.59 -10.46
N GLU B 946 19.34 -8.46 -11.16
CA GLU B 946 19.98 -9.40 -12.09
C GLU B 946 20.61 -8.63 -13.25
N LEU B 947 19.88 -7.62 -13.74
CA LEU B 947 20.37 -6.81 -14.84
C LEU B 947 21.62 -6.08 -14.38
N TYR B 948 21.60 -5.63 -13.14
CA TYR B 948 22.71 -4.88 -12.59
C TYR B 948 23.95 -5.76 -12.48
N LYS B 949 23.81 -7.01 -12.04
CA LYS B 949 24.98 -7.89 -12.01
C LYS B 949 25.48 -8.23 -13.41
N VAL B 950 24.51 -8.50 -14.29
CA VAL B 950 24.77 -8.87 -15.68
C VAL B 950 25.45 -7.79 -16.52
N ILE B 951 25.01 -6.55 -16.38
CA ILE B 951 25.57 -5.47 -17.15
C ILE B 951 27.04 -5.29 -16.81
N SER B 952 27.39 -5.42 -15.53
CA SER B 952 28.78 -5.25 -15.09
C SER B 952 29.69 -6.46 -15.36
N LEU B 953 29.29 -7.35 -16.26
CA LEU B 953 30.12 -8.51 -16.58
C LEU B 953 31.01 -8.28 -17.80
N HIS B 954 32.08 -9.06 -17.89
CA HIS B 954 33.03 -8.96 -19.01
C HIS B 954 32.32 -9.18 -20.34
N GLU B 955 32.56 -8.26 -21.28
CA GLU B 955 31.94 -8.31 -22.60
C GLU B 955 31.64 -9.71 -23.13
N ASN B 956 32.59 -10.62 -22.97
CA ASN B 956 32.41 -11.99 -23.46
C ASN B 956 31.29 -12.72 -22.71
N GLU B 957 31.22 -12.49 -21.39
CA GLU B 957 30.22 -13.12 -20.54
C GLU B 957 28.79 -12.68 -20.89
N ILE B 958 28.63 -11.39 -21.19
CA ILE B 958 27.34 -10.82 -21.54
C ILE B 958 26.83 -11.44 -22.82
N GLN B 959 27.73 -11.67 -23.77
CA GLN B 959 27.35 -12.24 -25.06
C GLN B 959 26.80 -13.66 -24.86
N LEU B 960 27.42 -14.42 -23.97
CA LEU B 960 26.96 -15.77 -23.67
C LEU B 960 25.58 -15.79 -22.99
N TYR B 961 25.39 -14.86 -22.07
CA TYR B 961 24.15 -14.75 -21.33
C TYR B 961 22.98 -14.43 -22.27
N LEU B 962 23.18 -13.51 -23.21
CA LEU B 962 22.13 -13.14 -24.14
C LEU B 962 21.76 -14.33 -25.05
N ILE B 963 22.77 -15.05 -25.53
CA ILE B 963 22.53 -16.22 -26.39
C ILE B 963 21.84 -17.34 -25.62
N SER B 964 22.27 -17.56 -24.38
CA SER B 964 21.71 -18.60 -23.54
C SER B 964 20.22 -18.42 -23.40
N LEU B 965 19.76 -17.17 -23.42
CA LEU B 965 18.33 -16.87 -23.29
C LEU B 965 17.58 -16.95 -24.61
N GLY B 966 18.31 -17.22 -25.69
CA GLY B 966 17.68 -17.34 -27.00
C GLY B 966 17.93 -16.19 -27.96
N ILE B 967 18.60 -15.15 -27.47
CA ILE B 967 18.87 -14.00 -28.32
C ILE B 967 19.79 -14.42 -29.47
N PRO B 968 19.39 -14.12 -30.71
CA PRO B 968 20.17 -14.45 -31.90
C PRO B 968 21.58 -13.85 -31.90
N LYS B 969 22.51 -14.52 -32.59
CA LYS B 969 23.90 -14.08 -32.63
C LYS B 969 24.18 -12.74 -33.28
N ILE B 970 23.54 -12.45 -34.40
CA ILE B 970 23.83 -11.17 -35.03
C ILE B 970 23.39 -10.05 -34.09
N ASP B 971 22.22 -10.21 -33.47
CA ASP B 971 21.73 -9.22 -32.51
C ASP B 971 22.56 -9.10 -31.23
N ALA B 972 22.96 -10.24 -30.67
CA ALA B 972 23.72 -10.26 -29.43
C ALA B 972 25.09 -9.65 -29.63
N ASP B 973 25.73 -9.98 -30.75
CA ASP B 973 27.04 -9.49 -31.06
C ASP B 973 27.04 -7.99 -31.29
N THR B 974 26.00 -7.50 -31.94
CA THR B 974 25.91 -6.07 -32.22
C THR B 974 25.81 -5.26 -30.93
N TYR B 975 25.02 -5.74 -29.98
CA TYR B 975 24.86 -5.06 -28.69
C TYR B 975 26.11 -5.02 -27.79
N VAL B 976 26.80 -6.16 -27.71
CA VAL B 976 27.96 -6.29 -26.84
C VAL B 976 29.07 -5.26 -27.01
N GLY B 977 29.05 -4.52 -28.10
CA GLY B 977 30.10 -3.54 -28.31
C GLY B 977 29.62 -2.15 -28.64
N SER B 978 28.34 -2.04 -28.95
CA SER B 978 27.73 -0.77 -29.31
C SER B 978 27.80 0.32 -28.25
N LYS B 979 27.46 1.52 -28.69
CA LYS B 979 27.41 2.73 -27.88
C LYS B 979 26.33 2.55 -26.83
N ILE B 980 25.23 1.93 -27.23
CA ILE B 980 24.07 1.72 -26.39
C ILE B 980 24.40 0.84 -25.18
N TYR B 981 25.22 -0.19 -25.37
CA TYR B 981 25.55 -1.05 -24.23
C TYR B 981 26.29 -0.21 -23.20
N SER B 982 27.18 0.67 -23.66
CA SER B 982 27.95 1.49 -22.73
C SER B 982 27.00 2.39 -21.97
N ARG B 983 26.03 2.95 -22.68
CA ARG B 983 25.05 3.83 -22.07
C ARG B 983 24.19 3.03 -21.09
N ASP B 984 23.85 1.80 -21.48
CA ASP B 984 23.04 0.94 -20.64
C ASP B 984 23.69 0.74 -19.30
N LYS B 985 25.00 0.54 -19.29
CA LYS B 985 25.72 0.35 -18.04
C LYS B 985 25.38 1.41 -17.01
N TYR B 986 25.47 2.68 -17.41
CA TYR B 986 25.17 3.79 -16.53
C TYR B 986 23.69 3.81 -16.16
N ARG B 987 22.84 3.56 -17.12
CA ARG B 987 21.39 3.57 -16.90
C ARG B 987 20.91 2.51 -15.92
N ILE B 988 21.48 1.31 -15.99
CA ILE B 988 21.08 0.23 -15.10
C ILE B 988 21.44 0.60 -13.66
N LEU B 989 22.61 1.19 -13.46
CA LEU B 989 23.06 1.60 -12.13
C LEU B 989 22.20 2.73 -11.56
N GLU B 990 21.84 3.66 -12.43
CA GLU B 990 21.04 4.80 -12.02
C GLU B 990 19.69 4.30 -11.53
N SER B 991 19.12 3.33 -12.22
CA SER B 991 17.85 2.75 -11.82
C SER B 991 17.99 2.00 -10.49
N TYR B 992 19.08 1.26 -10.34
CA TYR B 992 19.35 0.51 -9.12
C TYR B 992 19.56 1.40 -7.88
N VAL B 993 20.33 2.49 -8.05
CA VAL B 993 20.62 3.44 -6.97
C VAL B 993 19.35 4.16 -6.47
N TYR B 994 18.46 4.53 -7.40
CA TYR B 994 17.21 5.20 -7.08
C TYR B 994 16.37 4.25 -6.26
N ASN B 995 16.42 2.98 -6.63
CA ASN B 995 15.64 1.95 -5.95
C ASN B 995 16.11 1.78 -4.48
N LEU B 996 17.40 1.82 -4.26
CA LEU B 996 17.93 1.66 -2.91
C LEU B 996 17.62 2.88 -2.04
N LEU B 997 17.30 4.00 -2.69
CA LEU B 997 17.02 5.24 -1.97
C LEU B 997 15.54 5.55 -1.93
N SER B 998 14.71 4.58 -2.32
CA SER B 998 13.25 4.75 -2.34
C SER B 998 12.88 6.18 -2.75
N ILE B 999 13.20 6.51 -4.00
CA ILE B 999 12.95 7.84 -4.52
C ILE B 999 11.51 7.98 -5.04
N ASN B 1000 10.84 6.84 -5.21
CA ASN B 1000 9.45 6.84 -5.71
C ASN B 1000 8.42 6.64 -4.61
N TYR B 1001 8.87 6.55 -3.37
CA TYR B 1001 7.97 6.34 -2.25
C TYR B 1001 7.83 7.53 -1.30
N GLY B 1002 7.13 7.26 -0.20
CA GLY B 1002 6.90 8.26 0.81
C GLY B 1002 6.69 9.69 0.36
N CYS B 1003 7.51 10.59 0.89
CA CYS B 1003 7.43 12.02 0.61
C CYS B 1003 8.25 12.49 -0.57
N TYR B 1004 9.31 11.76 -0.91
CA TYR B 1004 10.17 12.15 -2.03
C TYR B 1004 9.52 12.03 -3.39
N GLN B 1005 8.65 11.05 -3.56
CA GLN B 1005 7.98 10.85 -4.83
C GLN B 1005 7.30 12.11 -5.36
N LEU B 1006 7.11 13.10 -4.48
CA LEU B 1006 6.47 14.37 -4.86
C LEU B 1006 7.42 15.42 -5.48
N PHE B 1007 8.59 15.59 -4.86
CA PHE B 1007 9.58 16.57 -5.30
C PHE B 1007 10.17 16.33 -6.67
N ASP B 1008 10.37 17.43 -7.40
CA ASP B 1008 11.00 17.39 -8.72
C ASP B 1008 12.51 17.52 -8.50
N PHE B 1009 13.17 16.38 -8.35
CA PHE B 1009 14.60 16.35 -8.11
C PHE B 1009 15.42 16.92 -9.27
N ASN B 1010 14.76 17.30 -10.36
CA ASN B 1010 15.46 17.89 -11.49
C ASN B 1010 15.12 19.36 -11.59
N SER B 1011 14.59 19.91 -10.50
CA SER B 1011 14.22 21.32 -10.43
C SER B 1011 15.42 22.24 -10.64
N PRO B 1012 15.25 23.27 -11.44
CA PRO B 1012 16.33 24.20 -11.72
C PRO B 1012 16.69 24.93 -10.44
N ASP B 1013 15.69 25.27 -9.65
CA ASP B 1013 15.88 25.99 -8.40
C ASP B 1013 16.71 25.13 -7.43
N LEU B 1014 16.41 23.85 -7.37
CA LEU B 1014 17.13 22.88 -6.53
C LEU B 1014 18.56 22.75 -7.04
N GLU B 1015 18.67 22.75 -8.37
CA GLU B 1015 19.92 22.53 -9.10
C GLU B 1015 20.95 23.61 -8.80
N LYS B 1016 20.52 24.84 -8.69
CA LYS B 1016 21.45 25.94 -8.44
C LYS B 1016 22.09 25.70 -7.08
N LEU B 1017 21.31 25.23 -6.11
CA LEU B 1017 21.85 24.98 -4.78
C LEU B 1017 22.95 23.91 -4.73
N ILE B 1018 23.26 23.30 -5.87
CA ILE B 1018 24.30 22.27 -5.90
C ILE B 1018 25.46 22.74 -6.80
N ARG B 1019 26.67 22.74 -6.25
CA ARG B 1019 27.84 23.18 -6.99
C ARG B 1019 28.84 22.04 -7.08
N ILE B 1020 28.92 21.40 -8.24
CA ILE B 1020 29.85 20.29 -8.42
C ILE B 1020 30.78 20.40 -9.62
N PRO B 1021 32.05 20.82 -9.40
CA PRO B 1021 33.07 20.97 -10.43
C PRO B 1021 33.63 19.60 -10.85
N PHE B 1022 33.66 19.35 -12.15
CA PHE B 1022 34.15 18.09 -12.68
C PHE B 1022 35.67 18.02 -12.54
N LYS B 1023 36.15 16.85 -12.10
CA LYS B 1023 37.59 16.63 -11.94
C LYS B 1023 37.93 15.22 -12.41
N GLY B 1024 37.43 14.88 -13.60
CA GLY B 1024 37.69 13.57 -14.16
C GLY B 1024 36.69 13.22 -15.25
N LYS B 1025 35.40 13.21 -14.88
CA LYS B 1025 34.30 12.90 -15.77
C LYS B 1025 34.05 11.40 -15.90
N ILE B 1026 33.11 10.91 -15.09
CA ILE B 1026 32.73 9.49 -15.09
C ILE B 1026 31.30 9.34 -14.53
N PRO B 1027 30.33 9.23 -15.45
CA PRO B 1027 28.89 9.08 -15.23
C PRO B 1027 28.39 8.63 -13.85
N ALA B 1028 28.79 7.43 -13.43
CA ALA B 1028 28.37 6.89 -12.13
C ALA B 1028 28.74 7.82 -10.97
N VAL B 1029 29.98 8.27 -10.95
CA VAL B 1029 30.45 9.14 -9.89
C VAL B 1029 29.72 10.48 -9.88
N THR B 1030 29.49 11.04 -11.05
CA THR B 1030 28.79 12.31 -11.14
C THR B 1030 27.35 12.18 -10.64
N PHE B 1031 26.70 11.09 -11.01
CA PHE B 1031 25.32 10.87 -10.63
C PHE B 1031 25.11 10.72 -9.14
N ILE B 1032 25.99 9.98 -8.48
CA ILE B 1032 25.85 9.79 -7.03
C ILE B 1032 26.07 11.09 -6.24
N LEU B 1033 27.06 11.88 -6.63
CA LEU B 1033 27.35 13.12 -5.93
C LEU B 1033 26.21 14.10 -6.04
N HIS B 1034 25.64 14.21 -7.23
CA HIS B 1034 24.51 15.12 -7.45
C HIS B 1034 23.29 14.66 -6.65
N LEU B 1035 23.05 13.34 -6.67
CA LEU B 1035 21.91 12.76 -5.94
C LEU B 1035 22.09 12.92 -4.43
N TYR B 1036 23.30 12.68 -3.95
CA TYR B 1036 23.56 12.81 -2.52
C TYR B 1036 23.36 14.27 -2.11
N ALA B 1037 23.85 15.19 -2.94
CA ALA B 1037 23.72 16.62 -2.66
C ALA B 1037 22.25 17.06 -2.68
N LYS B 1038 21.49 16.53 -3.63
CA LYS B 1038 20.09 16.90 -3.74
C LYS B 1038 19.32 16.43 -2.53
N LEU B 1039 19.62 15.21 -2.08
CA LEU B 1039 18.94 14.66 -0.90
C LEU B 1039 19.29 15.44 0.37
N GLU B 1040 20.56 15.76 0.53
CA GLU B 1040 21.02 16.51 1.68
C GLU B 1040 20.41 17.89 1.75
N VAL B 1041 20.32 18.58 0.61
CA VAL B 1041 19.74 19.91 0.59
C VAL B 1041 18.23 19.89 0.93
N ILE B 1042 17.55 18.92 0.35
CA ILE B 1042 16.12 18.76 0.59
C ILE B 1042 15.81 18.36 2.03
N ASN B 1043 16.61 17.46 2.56
CA ASN B 1043 16.38 16.99 3.92
C ASN B 1043 16.57 18.11 4.91
N TYR B 1044 17.57 18.94 4.67
CA TYR B 1044 17.84 20.06 5.57
C TYR B 1044 16.63 20.97 5.51
N ALA B 1045 16.08 21.12 4.31
CA ALA B 1045 14.92 21.98 4.08
C ALA B 1045 13.71 21.45 4.85
N ILE B 1046 13.55 20.13 4.86
CA ILE B 1046 12.43 19.50 5.55
C ILE B 1046 12.48 19.74 7.05
N LYS B 1047 13.67 19.68 7.62
CA LYS B 1047 13.86 19.88 9.05
C LYS B 1047 13.94 21.35 9.52
N ASN B 1048 14.74 22.16 8.84
CA ASN B 1048 14.94 23.56 9.23
C ASN B 1048 14.11 24.62 8.50
N GLY B 1049 13.30 24.20 7.55
CA GLY B 1049 12.46 25.17 6.85
C GLY B 1049 13.21 26.24 6.07
N SER B 1050 14.52 26.11 6.01
CA SER B 1050 15.36 27.07 5.29
C SER B 1050 16.30 26.28 4.39
N TRP B 1051 16.90 26.91 3.40
CA TRP B 1051 17.80 26.20 2.50
C TRP B 1051 19.27 26.47 2.69
N ILE B 1052 20.09 25.69 1.98
CA ILE B 1052 21.54 25.81 2.02
C ILE B 1052 22.11 25.41 0.66
N SER B 1053 23.35 25.80 0.39
CA SER B 1053 23.99 25.47 -0.87
C SER B 1053 25.11 24.49 -0.61
N LEU B 1054 25.35 23.59 -1.57
CA LEU B 1054 26.40 22.60 -1.38
C LEU B 1054 27.53 22.64 -2.43
N PHE B 1055 28.76 22.66 -1.93
CA PHE B 1055 29.95 22.67 -2.78
C PHE B 1055 30.66 21.34 -2.62
N CYS B 1056 31.18 20.80 -3.72
CA CYS B 1056 31.87 19.52 -3.67
C CYS B 1056 33.27 19.59 -4.27
N ASN B 1057 34.24 19.14 -3.49
CA ASN B 1057 35.63 19.11 -3.95
C ASN B 1057 36.18 17.68 -3.80
N TYR B 1058 35.43 16.73 -4.35
CA TYR B 1058 35.80 15.32 -4.30
C TYR B 1058 37.03 15.11 -5.14
N PRO B 1059 38.04 14.43 -4.57
CA PRO B 1059 39.31 14.13 -5.24
C PRO B 1059 39.15 13.34 -6.54
N LYS B 1060 40.18 13.38 -7.38
CA LYS B 1060 40.16 12.66 -8.65
C LYS B 1060 40.54 11.20 -8.40
N SER B 1061 41.51 11.00 -7.52
CA SER B 1061 42.00 9.67 -7.14
C SER B 1061 40.88 8.92 -6.45
N GLU B 1062 40.13 9.65 -5.64
CA GLU B 1062 39.02 9.15 -4.86
C GLU B 1062 37.86 8.60 -5.70
N MET B 1063 37.57 9.27 -6.80
CA MET B 1063 36.44 8.88 -7.65
C MET B 1063 36.64 7.49 -8.24
N ILE B 1064 37.86 7.15 -8.65
CA ILE B 1064 38.09 5.84 -9.22
C ILE B 1064 37.81 4.75 -8.18
N LYS B 1065 38.22 5.00 -6.93
CA LYS B 1065 37.99 4.05 -5.84
C LYS B 1065 36.48 3.89 -5.59
N LEU B 1066 35.77 5.02 -5.66
CA LEU B 1066 34.32 5.08 -5.46
C LEU B 1066 33.55 4.31 -6.50
N TRP B 1067 34.00 4.38 -7.75
CA TRP B 1067 33.32 3.71 -8.85
C TRP B 1067 33.36 2.20 -8.66
N LYS B 1068 34.49 1.69 -8.17
CA LYS B 1068 34.66 0.27 -7.93
C LYS B 1068 33.65 -0.16 -6.86
N LYS B 1069 33.48 0.70 -5.86
CA LYS B 1069 32.57 0.45 -4.76
C LYS B 1069 31.13 0.38 -5.24
N MET B 1070 30.78 1.24 -6.19
CA MET B 1070 29.41 1.33 -6.71
C MET B 1070 28.91 0.07 -7.40
N TRP B 1071 29.75 -0.61 -8.18
CA TRP B 1071 29.30 -1.82 -8.87
C TRP B 1071 29.27 -3.08 -7.99
N ASN B 1072 29.18 -2.90 -6.68
CA ASN B 1072 29.13 -4.03 -5.76
C ASN B 1072 28.23 -3.73 -4.58
N ILE B 1073 27.18 -2.94 -4.83
CA ILE B 1073 26.23 -2.60 -3.79
C ILE B 1073 25.20 -3.74 -3.55
N THR B 1074 24.89 -3.99 -2.28
CA THR B 1074 23.92 -5.01 -1.93
C THR B 1074 22.62 -4.35 -1.47
N SER B 1075 21.52 -5.06 -1.63
CA SER B 1075 20.22 -4.55 -1.23
C SER B 1075 19.83 -5.06 0.16
N LEU B 1076 19.33 -4.16 0.99
CA LEU B 1076 18.90 -4.50 2.34
C LEU B 1076 17.41 -4.80 2.34
N ARG B 1077 17.02 -5.81 3.11
CA ARG B 1077 15.62 -6.17 3.22
C ARG B 1077 15.18 -5.87 4.65
N SER B 1078 14.16 -5.03 4.80
CA SER B 1078 13.68 -4.67 6.13
C SER B 1078 12.19 -4.34 6.15
N PRO B 1079 11.53 -4.54 7.31
CA PRO B 1079 10.09 -4.27 7.47
C PRO B 1079 9.71 -2.89 6.93
N TYR B 1080 10.63 -1.94 7.04
CA TYR B 1080 10.39 -0.60 6.53
C TYR B 1080 10.28 -0.64 5.00
N THR B 1081 11.15 -1.42 4.38
CA THR B 1081 11.18 -1.58 2.94
C THR B 1081 9.92 -2.29 2.46
N ASN B 1082 9.54 -3.31 3.22
CA ASN B 1082 8.38 -4.12 2.91
C ASN B 1082 7.11 -3.30 2.97
N ALA B 1083 7.05 -2.40 3.93
CA ALA B 1083 5.87 -1.56 4.11
C ALA B 1083 5.67 -0.65 2.90
N ASN B 1084 6.74 -0.10 2.33
CA ASN B 1084 6.60 0.75 1.16
C ASN B 1084 6.08 -0.07 -0.02
N PHE B 1085 6.59 -1.29 -0.16
CA PHE B 1085 6.19 -2.23 -1.21
C PHE B 1085 4.71 -2.60 -1.01
N PHE B 1086 4.36 -2.75 0.26
CA PHE B 1086 3.05 -3.13 0.73
C PHE B 1086 2.00 -2.08 0.36
N GLN B 1087 2.36 -0.80 0.43
CA GLN B 1087 1.40 0.26 0.15
C GLN B 1087 0.92 0.17 -1.29
N GLU B 1088 1.81 -0.11 -2.22
CA GLU B 1088 1.40 -0.25 -3.61
C GLU B 1088 2.41 -1.03 -4.45
P PO4 C . -0.74 -11.01 -11.25
O1 PO4 C . 0.46 -11.71 -12.04
O2 PO4 C . -0.95 -11.12 -9.68
O3 PO4 C . -1.45 -9.76 -12.01
O4 PO4 C . 0.40 -9.92 -10.84
#